data_9J6K
#
_entry.id   9J6K
#
_cell.length_a   1.00
_cell.length_b   1.00
_cell.length_c   1.00
_cell.angle_alpha   90.00
_cell.angle_beta   90.00
_cell.angle_gamma   90.00
#
_symmetry.space_group_name_H-M   'P 1'
#
loop_
_entity.id
_entity.type
_entity.pdbx_description
1 polymer 'DNA damage-binding protein 1'
2 polymer 'Protein X'
#
loop_
_entity_poly.entity_id
_entity_poly.type
_entity_poly.pdbx_seq_one_letter_code
_entity_poly.pdbx_strand_id
1 'polypeptide(L)'
;MASAMSYNYVVTAQKPTAVNGCVTGHFTSAEDLNLLIAKNTRLEIYVVTAEGLRPVKEVGMYGKIAVMELFRPKGESKDL
LFILTAKYNACILEYKQSGESIDIITRAHGNVQDRIGRPSETGIIGIIDPECRMIGLRLYDGLFKVIPLDRDNKELKAFN
IRLEELHVIDVKFLYGCQAPTICFVYQDPQGRHVKTYEVSLREKEFNKGPWKQENVEAEASMVIAVPEPFGGAIIIGQES
ITYHNGDKYLAIAPPIIKQSTIVCHNRVDPNGSRYLLGDMEGRLFMLLLEKEEQMDGTVTLKDLRVELLGETSIAECLTY
LDNGVVFVGSRLGDSQLVKLNVDSNEQGSYVVAMETFTNLGPIVDMCVVDLERQGQGQLVTCSGAFKEGSLRIIRNGIGI
HEHASIDLPGIKGLWPLRSDPNRETDDTLVLSFVGQTRVLMLNGEEVEETELMGFVDDQQTFFCGNVAHQQLIQITSASV
RLVSQEPKALVSEWKEPQAKNISVASCNSSQVVVAVGRALYYLQIHPQELRQISHTEMEHEVACLDITPLGDSNGLSPLC
AIGLWTDISARILKLPSFELLHKEMLGGEIIPRSILMTTFESSHYLLCALGDGALFYFGLNIETGLLSDRKKVTLGTQPT
VLRTFRSLSTTNVFACSDRPTVIYSSNHKLVFSNVNLKEVNYMCPLNSDGYPDSLALANNSTLTIGTIDEIQKLHIRTVP
LYESPRKICYQEVSQCFGVLSSRIEVQDTSGGTTALRPSASTQALSSSVSSSKLFSSSTAPHETSFGEEVEVHNLLIIDQ
HTFEVLHAHQFLQNEYALSLVSCKLGKDPNTYFIVGTAMVYPEEAEPKQGRIVVFQYSDGKLQTVAEKEVKGAVYSMVEF
NGKLLASINSTVRLYEWTTEKELRTECNHYNNIMALYLKTKGDFILVGDLMRSVLLLAYKPMEGNFEEIARDFNPNWMSA
VEILDDDNFLGAENAFNLFVCQKDSAATTDEERQHLQEVGLFHLGEFVNVFCHGSLVMQNLGETSTPTQGSVLFGTVNGM
IGLVTSLSESWYNLLLDMQNRLNKVIKSVGKIEHSFWRSFHTERKTEPATGFIDGDLIESFLDISRPKMQEVVANLQYDD
GSGMKREATADDLIKVVEELTRIH
;
A
2 'polypeptide(L)'
;MASAWSHPQFEKGSGSGMAARLYCQLDPSRDVLCLRPVGAESRGRPLSGPLGTLSSPSPSAVPADHGAHLSLRGLPVCAF
SSAGPCALRFTSARCMETTVNAHQILPKVLHKRTLGLPAMSTTDLEAYFKDCVFKDWEELGEEIRLKVFVLGGCRHKLVC
APAPCNFFTSA
;
B
#
# COMPACT_ATOMS: atom_id res chain seq x y z
N MET A 5 -27.79 -7.01 15.75
CA MET A 5 -27.34 -7.14 17.12
C MET A 5 -25.84 -6.84 17.25
N SER A 6 -25.02 -7.57 16.51
CA SER A 6 -23.58 -7.36 16.53
C SER A 6 -23.23 -6.30 15.50
N TYR A 7 -22.68 -5.20 15.98
CA TYR A 7 -22.53 -3.98 15.18
C TYR A 7 -21.04 -3.73 15.01
N ASN A 8 -20.58 -3.70 13.76
CA ASN A 8 -19.15 -3.71 13.48
C ASN A 8 -18.81 -2.65 12.43
N TYR A 9 -17.56 -2.70 11.97
CA TYR A 9 -17.02 -1.70 11.06
C TYR A 9 -15.73 -2.24 10.48
N VAL A 10 -15.55 -2.06 9.17
CA VAL A 10 -14.34 -2.51 8.47
C VAL A 10 -13.89 -1.40 7.53
N VAL A 11 -12.58 -1.11 7.54
CA VAL A 11 -12.02 0.01 6.80
C VAL A 11 -10.68 -0.43 6.23
N THR A 12 -10.09 0.43 5.38
CA THR A 12 -8.83 0.15 4.71
C THR A 12 -7.71 0.96 5.35
N ALA A 13 -6.57 0.29 5.57
CA ALA A 13 -5.38 0.97 6.08
C ALA A 13 -4.34 1.23 5.01
N GLN A 14 -4.08 0.28 4.13
CA GLN A 14 -3.13 0.47 3.03
C GLN A 14 -3.57 -0.36 1.84
N LYS A 15 -3.72 0.30 0.69
CA LYS A 15 -4.25 -0.36 -0.50
C LYS A 15 -3.27 -1.42 -1.02
N PRO A 16 -3.77 -2.40 -1.77
CA PRO A 16 -2.91 -3.49 -2.24
C PRO A 16 -1.82 -3.00 -3.17
N THR A 17 -0.71 -3.73 -3.18
CA THR A 17 0.46 -3.35 -3.98
C THR A 17 0.83 -4.34 -5.07
N ALA A 18 0.41 -5.60 -4.98
CA ALA A 18 0.76 -6.59 -5.99
C ALA A 18 0.09 -6.26 -7.32
N VAL A 19 0.76 -6.62 -8.41
CA VAL A 19 0.33 -6.28 -9.76
C VAL A 19 -0.17 -7.56 -10.43
N ASN A 20 -1.41 -7.52 -10.93
CA ASN A 20 -2.01 -8.70 -11.55
C ASN A 20 -1.92 -8.70 -13.07
N GLY A 21 -1.91 -7.54 -13.71
CA GLY A 21 -1.78 -7.49 -15.16
C GLY A 21 -1.48 -6.09 -15.64
N CYS A 22 -0.84 -6.02 -16.81
CA CYS A 22 -0.51 -4.73 -17.39
C CYS A 22 -0.53 -4.83 -18.91
N VAL A 23 -1.04 -3.78 -19.56
CA VAL A 23 -1.14 -3.69 -21.01
C VAL A 23 -0.81 -2.26 -21.44
N THR A 24 -0.63 -2.09 -22.75
CA THR A 24 -0.35 -0.78 -23.33
C THR A 24 -1.21 -0.57 -24.57
N GLY A 25 -1.46 0.70 -24.88
CA GLY A 25 -2.33 1.06 -25.99
C GLY A 25 -2.61 2.54 -26.09
N HIS A 26 -3.83 2.91 -26.47
CA HIS A 26 -4.19 4.32 -26.72
C HIS A 26 -5.51 4.66 -26.02
N PHE A 27 -5.45 4.98 -24.74
CA PHE A 27 -6.57 5.66 -24.07
C PHE A 27 -6.56 7.17 -24.22
N THR A 28 -5.52 7.85 -23.71
CA THR A 28 -5.58 9.30 -23.57
C THR A 28 -5.81 9.98 -24.91
N SER A 29 -5.22 9.46 -25.97
CA SER A 29 -5.45 9.94 -27.32
C SER A 29 -4.87 8.92 -28.29
N ALA A 30 -5.02 9.21 -29.59
CA ALA A 30 -4.50 8.31 -30.61
C ALA A 30 -2.97 8.38 -30.72
N GLU A 31 -2.33 9.42 -30.19
CA GLU A 31 -0.90 9.59 -30.32
C GLU A 31 -0.19 9.54 -28.97
N ASP A 32 -0.81 8.93 -27.97
CA ASP A 32 -0.19 8.73 -26.68
C ASP A 32 0.11 7.25 -26.49
N LEU A 33 1.07 6.96 -25.63
CA LEU A 33 1.44 5.59 -25.30
C LEU A 33 1.14 5.37 -23.82
N ASN A 34 0.12 4.59 -23.54
CA ASN A 34 -0.38 4.42 -22.19
C ASN A 34 0.12 3.11 -21.60
N LEU A 35 0.26 3.10 -20.27
CA LEU A 35 0.54 1.89 -19.52
C LEU A 35 -0.57 1.68 -18.51
N LEU A 36 -1.21 0.52 -18.57
CA LEU A 36 -2.37 0.21 -17.74
C LEU A 36 -1.96 -0.85 -16.73
N ILE A 37 -2.18 -0.57 -15.45
CA ILE A 37 -1.83 -1.51 -14.39
C ILE A 37 -3.08 -1.79 -13.57
N ALA A 38 -3.37 -3.08 -13.39
CA ALA A 38 -4.55 -3.54 -12.66
C ALA A 38 -4.12 -4.15 -11.34
N LYS A 39 -4.56 -3.56 -10.24
CA LYS A 39 -4.38 -4.12 -8.91
C LYS A 39 -5.53 -5.09 -8.63
N ASN A 40 -5.74 -5.47 -7.38
CA ASN A 40 -6.85 -6.37 -7.06
C ASN A 40 -8.17 -5.73 -7.45
N THR A 41 -8.55 -4.65 -6.77
CA THR A 41 -9.75 -3.91 -7.10
C THR A 41 -9.45 -2.51 -7.59
N ARG A 42 -8.20 -2.23 -7.94
CA ARG A 42 -7.78 -0.90 -8.36
C ARG A 42 -7.26 -0.92 -9.79
N LEU A 43 -7.61 0.12 -10.53
CA LEU A 43 -7.10 0.36 -11.87
C LEU A 43 -6.39 1.70 -11.88
N GLU A 44 -5.21 1.74 -12.49
CA GLU A 44 -4.42 2.96 -12.57
C GLU A 44 -3.84 3.12 -13.96
N ILE A 45 -3.69 4.36 -14.39
CA ILE A 45 -3.38 4.69 -15.78
C ILE A 45 -2.08 5.49 -15.80
N TYR A 46 -1.15 5.06 -16.66
CA TYR A 46 0.12 5.74 -16.84
C TYR A 46 0.35 6.03 -18.30
N VAL A 47 0.86 7.23 -18.58
CA VAL A 47 1.22 7.66 -19.93
C VAL A 47 2.73 7.82 -19.99
N VAL A 48 3.31 7.57 -21.16
CA VAL A 48 4.75 7.42 -21.32
C VAL A 48 5.38 8.75 -21.71
N THR A 49 6.51 9.06 -21.09
CA THR A 49 7.39 10.16 -21.49
C THR A 49 8.80 9.60 -21.73
N ALA A 50 9.75 10.50 -21.97
CA ALA A 50 11.10 10.10 -22.34
C ALA A 50 11.96 9.64 -21.17
N GLU A 51 11.57 9.94 -19.93
CA GLU A 51 12.37 9.59 -18.77
C GLU A 51 11.74 8.50 -17.91
N GLY A 52 10.43 8.29 -18.01
CA GLY A 52 9.76 7.30 -17.21
C GLY A 52 8.25 7.34 -17.36
N LEU A 53 7.53 7.29 -16.26
CA LEU A 53 6.08 7.23 -16.26
C LEU A 53 5.51 8.41 -15.47
N ARG A 54 4.18 8.52 -15.47
CA ARG A 54 3.48 9.52 -14.67
C ARG A 54 2.04 9.07 -14.47
N PRO A 55 1.46 9.30 -13.28
CA PRO A 55 0.09 8.89 -13.03
C PRO A 55 -0.92 9.93 -13.50
N VAL A 56 -2.08 9.45 -13.95
CA VAL A 56 -3.17 10.31 -14.40
C VAL A 56 -4.49 9.99 -13.70
N LYS A 57 -4.83 8.70 -13.54
CA LYS A 57 -6.14 8.37 -13.00
C LYS A 57 -6.06 7.12 -12.14
N GLU A 58 -6.88 7.11 -11.09
CA GLU A 58 -7.03 5.99 -10.16
C GLU A 58 -8.51 5.72 -9.94
N VAL A 59 -8.94 4.46 -10.11
CA VAL A 59 -10.33 4.08 -9.92
C VAL A 59 -10.40 2.74 -9.20
N GLY A 60 -11.50 2.55 -8.48
CA GLY A 60 -11.77 1.28 -7.80
C GLY A 60 -13.10 0.72 -8.25
N MET A 61 -13.16 -0.61 -8.35
CA MET A 61 -14.34 -1.30 -8.86
C MET A 61 -14.91 -2.22 -7.80
N TYR A 62 -16.24 -2.37 -7.82
CA TYR A 62 -16.94 -3.29 -6.91
C TYR A 62 -16.82 -4.73 -7.41
N GLY A 63 -15.58 -5.21 -7.44
CA GLY A 63 -15.31 -6.55 -7.90
C GLY A 63 -13.83 -6.73 -8.14
N LYS A 64 -13.45 -7.99 -8.26
CA LYS A 64 -12.06 -8.35 -8.50
C LYS A 64 -11.80 -8.36 -10.00
N ILE A 65 -10.88 -7.51 -10.46
CA ILE A 65 -10.59 -7.42 -11.88
C ILE A 65 -9.93 -8.71 -12.35
N ALA A 66 -10.46 -9.29 -13.42
CA ALA A 66 -9.95 -10.54 -13.96
C ALA A 66 -9.60 -10.48 -15.45
N VAL A 67 -10.19 -9.54 -16.19
CA VAL A 67 -9.94 -9.38 -17.61
C VAL A 67 -9.74 -7.91 -17.91
N MET A 68 -8.71 -7.59 -18.69
CA MET A 68 -8.42 -6.21 -19.08
C MET A 68 -7.77 -6.26 -20.45
N GLU A 69 -8.41 -5.65 -21.44
CA GLU A 69 -7.97 -5.75 -22.83
C GLU A 69 -8.34 -4.48 -23.58
N LEU A 70 -7.62 -4.24 -24.67
CA LEU A 70 -7.79 -3.06 -25.50
C LEU A 70 -8.22 -3.46 -26.91
N PHE A 71 -9.12 -2.67 -27.50
CA PHE A 71 -9.52 -2.97 -28.87
C PHE A 71 -9.96 -1.70 -29.58
N ARG A 72 -9.91 -1.76 -30.91
CA ARG A 72 -10.24 -0.66 -31.82
C ARG A 72 -11.32 -1.05 -32.81
N PRO A 73 -12.58 -0.78 -32.51
CA PRO A 73 -13.63 -0.89 -33.53
C PRO A 73 -13.49 0.19 -34.59
N LYS A 74 -14.29 0.07 -35.64
CA LYS A 74 -14.18 0.96 -36.78
C LYS A 74 -14.92 2.28 -36.53
N GLY A 75 -14.25 3.39 -36.83
CA GLY A 75 -14.91 4.68 -36.83
C GLY A 75 -14.72 5.54 -35.60
N GLU A 76 -13.62 5.35 -34.87
CA GLU A 76 -13.26 6.24 -33.78
C GLU A 76 -11.75 6.25 -33.59
N SER A 77 -11.25 7.30 -32.93
CA SER A 77 -9.82 7.57 -32.88
C SER A 77 -9.08 6.61 -31.96
N LYS A 78 -9.66 6.27 -30.82
CA LYS A 78 -8.92 5.61 -29.73
C LYS A 78 -9.54 4.25 -29.46
N ASP A 79 -9.04 3.59 -28.41
CA ASP A 79 -9.41 2.21 -28.11
C ASP A 79 -10.52 2.14 -27.06
N LEU A 80 -10.96 0.92 -26.80
CA LEU A 80 -12.01 0.62 -25.83
C LEU A 80 -11.52 -0.43 -24.86
N LEU A 81 -12.07 -0.42 -23.65
CA LEU A 81 -11.64 -1.29 -22.57
C LEU A 81 -12.77 -2.24 -22.18
N PHE A 82 -12.44 -3.51 -22.01
CA PHE A 82 -13.38 -4.53 -21.57
C PHE A 82 -12.90 -5.15 -20.27
N ILE A 83 -13.77 -5.14 -19.26
CA ILE A 83 -13.43 -5.63 -17.92
C ILE A 83 -14.47 -6.65 -17.48
N LEU A 84 -14.01 -7.76 -16.89
CA LEU A 84 -14.88 -8.77 -16.32
C LEU A 84 -14.41 -9.11 -14.91
N THR A 85 -15.29 -8.90 -13.93
CA THR A 85 -14.95 -9.06 -12.52
C THR A 85 -14.96 -10.53 -12.11
N ALA A 86 -14.95 -10.76 -10.79
CA ALA A 86 -14.93 -12.12 -10.27
C ALA A 86 -16.33 -12.71 -10.13
N LYS A 87 -17.32 -11.89 -9.78
CA LYS A 87 -18.72 -12.30 -9.80
C LYS A 87 -19.33 -12.19 -11.19
N TYR A 88 -18.49 -12.14 -12.22
CA TYR A 88 -18.91 -12.21 -13.62
C TYR A 88 -19.74 -10.98 -14.01
N ASN A 89 -19.25 -9.80 -13.66
CA ASN A 89 -19.83 -8.56 -14.13
C ASN A 89 -19.08 -8.12 -15.38
N ALA A 90 -19.81 -7.89 -16.47
CA ALA A 90 -19.20 -7.58 -17.75
C ALA A 90 -19.51 -6.13 -18.11
N CYS A 91 -18.50 -5.43 -18.62
CA CYS A 91 -18.63 -3.99 -18.82
C CYS A 91 -17.78 -3.56 -20.02
N ILE A 92 -18.20 -2.46 -20.64
CA ILE A 92 -17.43 -1.78 -21.66
C ILE A 92 -17.26 -0.33 -21.24
N LEU A 93 -16.02 0.13 -21.15
CA LEU A 93 -15.71 1.46 -20.67
C LEU A 93 -14.74 2.14 -21.63
N GLU A 94 -14.57 3.44 -21.48
CA GLU A 94 -13.65 4.19 -22.33
C GLU A 94 -13.35 5.55 -21.71
N TYR A 95 -12.47 6.31 -22.36
CA TYR A 95 -11.78 7.42 -21.73
C TYR A 95 -12.34 8.75 -22.23
N LYS A 96 -12.90 9.54 -21.32
CA LYS A 96 -13.39 10.89 -21.61
C LYS A 96 -12.62 11.93 -20.80
N GLN A 97 -11.79 12.70 -21.50
CA GLN A 97 -11.23 13.95 -20.99
C GLN A 97 -12.01 15.09 -21.62
N SER A 98 -12.88 15.72 -20.84
CA SER A 98 -13.74 16.79 -21.36
C SER A 98 -13.07 18.16 -21.21
N GLY A 99 -12.77 18.56 -19.99
CA GLY A 99 -11.99 19.76 -19.76
C GLY A 99 -10.73 19.42 -18.98
N GLU A 100 -10.67 19.86 -17.73
CA GLU A 100 -9.68 19.36 -16.79
C GLU A 100 -10.17 18.14 -16.03
N SER A 101 -11.49 17.99 -15.86
CA SER A 101 -12.06 16.85 -15.17
C SER A 101 -11.94 15.60 -16.02
N ILE A 102 -11.50 14.51 -15.38
CA ILE A 102 -11.38 13.21 -16.03
C ILE A 102 -12.44 12.27 -15.48
N ASP A 103 -13.14 11.58 -16.37
CA ASP A 103 -14.14 10.59 -15.99
C ASP A 103 -14.16 9.48 -17.02
N ILE A 104 -14.67 8.33 -16.61
CA ILE A 104 -14.73 7.14 -17.44
C ILE A 104 -16.17 6.64 -17.40
N ILE A 105 -16.78 6.53 -18.58
CA ILE A 105 -18.21 6.24 -18.69
C ILE A 105 -18.39 4.77 -19.03
N THR A 106 -19.59 4.26 -18.77
CA THR A 106 -19.96 2.88 -19.07
C THR A 106 -20.83 2.85 -20.32
N ARG A 107 -20.21 2.60 -21.46
CA ARG A 107 -20.97 2.51 -22.71
C ARG A 107 -21.66 1.17 -22.84
N ALA A 108 -21.64 0.36 -21.78
CA ALA A 108 -22.35 -0.91 -21.74
C ALA A 108 -22.42 -1.38 -20.30
N HIS A 109 -23.19 -2.44 -20.07
CA HIS A 109 -23.31 -3.04 -18.75
C HIS A 109 -23.88 -4.44 -18.91
N GLY A 110 -23.72 -5.26 -17.89
CA GLY A 110 -24.37 -6.56 -17.95
C GLY A 110 -23.83 -7.51 -16.91
N ASN A 111 -24.41 -8.69 -16.88
CA ASN A 111 -24.00 -9.78 -16.00
C ASN A 111 -24.12 -11.07 -16.79
N VAL A 112 -23.05 -11.86 -16.78
CA VAL A 112 -22.99 -13.05 -17.62
C VAL A 112 -23.00 -14.31 -16.74
N GLN A 113 -23.44 -14.15 -15.49
CA GLN A 113 -23.57 -15.28 -14.58
C GLN A 113 -24.65 -16.25 -15.04
N ASP A 114 -24.44 -17.52 -14.73
CA ASP A 114 -25.32 -18.61 -15.15
C ASP A 114 -26.08 -19.17 -13.96
N ARG A 115 -26.88 -20.20 -14.21
CA ARG A 115 -27.55 -20.90 -13.12
C ARG A 115 -26.84 -22.18 -12.75
N ILE A 116 -26.46 -22.99 -13.73
CA ILE A 116 -25.88 -24.30 -13.49
C ILE A 116 -24.51 -24.35 -14.17
N GLY A 117 -23.51 -24.78 -13.43
CA GLY A 117 -22.15 -24.82 -13.93
C GLY A 117 -21.16 -24.57 -12.82
N ARG A 118 -19.90 -24.82 -13.14
CA ARG A 118 -18.85 -24.74 -12.13
C ARG A 118 -17.74 -23.82 -12.61
N PRO A 119 -17.39 -22.80 -11.81
CA PRO A 119 -16.14 -22.08 -12.07
C PRO A 119 -14.96 -23.03 -11.97
N SER A 120 -13.99 -22.83 -12.85
CA SER A 120 -12.90 -23.78 -13.01
C SER A 120 -11.55 -23.14 -12.68
N GLU A 121 -10.49 -23.94 -12.84
CA GLU A 121 -9.13 -23.47 -12.63
C GLU A 121 -8.74 -22.50 -13.73
N THR A 122 -7.55 -21.91 -13.58
CA THR A 122 -6.95 -20.97 -14.52
C THR A 122 -7.75 -19.66 -14.58
N GLY A 123 -8.89 -19.60 -13.91
CA GLY A 123 -9.65 -18.37 -13.86
C GLY A 123 -10.26 -18.00 -15.22
N ILE A 124 -10.64 -16.73 -15.32
CA ILE A 124 -11.37 -16.20 -16.46
C ILE A 124 -10.39 -15.77 -17.54
N ILE A 125 -10.76 -15.99 -18.80
CA ILE A 125 -9.98 -15.53 -19.95
C ILE A 125 -10.88 -14.67 -20.81
N GLY A 126 -10.37 -13.52 -21.24
CA GLY A 126 -11.11 -12.63 -22.10
C GLY A 126 -10.29 -12.10 -23.26
N ILE A 127 -10.73 -12.38 -24.50
CA ILE A 127 -10.00 -11.99 -25.70
C ILE A 127 -10.95 -11.25 -26.63
N ILE A 128 -10.37 -10.62 -27.65
CA ILE A 128 -11.08 -9.69 -28.51
C ILE A 128 -10.62 -9.89 -29.95
N ASP A 129 -11.53 -9.66 -30.90
CA ASP A 129 -11.23 -9.88 -32.31
C ASP A 129 -10.28 -8.79 -32.81
N PRO A 130 -9.24 -9.16 -33.57
CA PRO A 130 -8.40 -8.14 -34.22
C PRO A 130 -9.19 -7.16 -35.07
N GLU A 131 -10.28 -7.58 -35.70
CA GLU A 131 -11.16 -6.67 -36.41
C GLU A 131 -12.28 -6.13 -35.52
N CYS A 132 -12.30 -6.54 -34.24
CA CYS A 132 -13.26 -6.05 -33.25
C CYS A 132 -14.69 -6.29 -33.70
N ARG A 133 -15.01 -7.56 -33.93
CA ARG A 133 -16.33 -7.99 -34.35
C ARG A 133 -17.07 -8.81 -33.30
N MET A 134 -16.40 -9.20 -32.22
CA MET A 134 -17.03 -9.84 -31.07
C MET A 134 -16.03 -9.88 -29.92
N ILE A 135 -16.44 -10.50 -28.82
CA ILE A 135 -15.61 -10.66 -27.63
C ILE A 135 -15.85 -12.05 -27.06
N GLY A 136 -14.80 -12.86 -26.99
CA GLY A 136 -14.89 -14.22 -26.46
C GLY A 136 -14.55 -14.26 -24.99
N LEU A 137 -15.14 -15.23 -24.28
CA LEU A 137 -15.00 -15.40 -22.84
C LEU A 137 -15.08 -16.88 -22.50
N ARG A 138 -14.15 -17.35 -21.67
CA ARG A 138 -14.27 -18.68 -21.07
C ARG A 138 -14.64 -18.47 -19.61
N LEU A 139 -15.84 -18.89 -19.23
CA LEU A 139 -16.27 -18.76 -17.84
C LEU A 139 -16.45 -20.08 -17.14
N TYR A 140 -17.22 -21.00 -17.71
CA TYR A 140 -17.40 -22.33 -17.18
C TYR A 140 -16.84 -23.34 -18.18
N ASP A 141 -16.55 -24.54 -17.70
CA ASP A 141 -15.97 -25.58 -18.53
C ASP A 141 -16.94 -26.02 -19.61
N GLY A 142 -16.43 -26.19 -20.83
CA GLY A 142 -17.23 -26.70 -21.93
C GLY A 142 -18.20 -25.71 -22.53
N LEU A 143 -18.15 -24.44 -22.14
CA LEU A 143 -19.14 -23.48 -22.62
C LEU A 143 -18.46 -22.13 -22.81
N PHE A 144 -18.44 -21.66 -24.06
CA PHE A 144 -17.71 -20.46 -24.46
C PHE A 144 -18.70 -19.36 -24.79
N LYS A 145 -18.61 -18.23 -24.10
CA LYS A 145 -19.55 -17.14 -24.26
C LYS A 145 -19.04 -16.18 -25.33
N VAL A 146 -19.94 -15.76 -26.22
CA VAL A 146 -19.63 -14.81 -27.28
C VAL A 146 -20.51 -13.58 -27.10
N ILE A 147 -19.90 -12.40 -27.13
CA ILE A 147 -20.61 -11.13 -27.06
C ILE A 147 -20.60 -10.50 -28.45
N PRO A 148 -21.75 -10.20 -29.03
CA PRO A 148 -21.76 -9.45 -30.29
C PRO A 148 -21.49 -7.97 -30.05
N LEU A 149 -20.80 -7.35 -31.00
CA LEU A 149 -20.42 -5.94 -30.91
C LEU A 149 -21.00 -5.15 -32.07
N ASP A 150 -22.26 -5.42 -32.40
CA ASP A 150 -23.00 -4.53 -33.28
C ASP A 150 -23.32 -3.23 -32.55
N ARG A 151 -23.74 -2.22 -33.31
CA ARG A 151 -23.96 -0.90 -32.73
C ARG A 151 -25.05 -0.90 -31.67
N ASP A 152 -26.04 -1.79 -31.79
CA ASP A 152 -27.06 -1.96 -30.77
C ASP A 152 -26.48 -2.84 -29.67
N ASN A 153 -27.33 -3.43 -28.83
CA ASN A 153 -26.91 -4.33 -27.76
C ASN A 153 -26.10 -3.52 -26.73
N LYS A 154 -26.78 -2.54 -26.15
CA LYS A 154 -26.26 -1.76 -25.03
C LYS A 154 -26.18 -2.57 -23.74
N GLU A 155 -26.92 -3.67 -23.65
CA GLU A 155 -27.07 -4.43 -22.41
C GLU A 155 -26.13 -5.63 -22.36
N LEU A 156 -25.21 -5.74 -23.32
CA LEU A 156 -24.21 -6.82 -23.37
C LEU A 156 -24.87 -8.20 -23.34
N LYS A 157 -25.89 -8.34 -24.18
CA LYS A 157 -26.49 -9.66 -24.38
C LYS A 157 -25.45 -10.62 -24.94
N ALA A 158 -25.48 -11.85 -24.45
CA ALA A 158 -24.55 -12.88 -24.88
C ALA A 158 -25.31 -14.11 -25.33
N PHE A 159 -24.57 -15.09 -25.82
CA PHE A 159 -25.14 -16.38 -26.19
C PHE A 159 -24.04 -17.43 -26.11
N ASN A 160 -24.47 -18.68 -25.99
CA ASN A 160 -23.60 -19.77 -25.55
C ASN A 160 -23.29 -20.72 -26.69
N ILE A 161 -22.13 -21.35 -26.62
CA ILE A 161 -21.69 -22.34 -27.60
C ILE A 161 -21.07 -23.52 -26.85
N ARG A 162 -21.48 -24.73 -27.22
CA ARG A 162 -20.97 -25.94 -26.58
C ARG A 162 -19.59 -26.30 -27.12
N LEU A 163 -18.73 -26.81 -26.23
CA LEU A 163 -17.38 -27.22 -26.59
C LEU A 163 -17.20 -28.72 -26.41
N GLU A 164 -16.44 -29.32 -27.32
CA GLU A 164 -16.06 -30.73 -27.15
C GLU A 164 -14.90 -30.89 -26.17
N GLU A 165 -14.37 -29.79 -25.65
CA GLU A 165 -13.32 -29.83 -24.63
C GLU A 165 -13.76 -29.07 -23.39
N LEU A 166 -13.33 -29.52 -22.22
CA LEU A 166 -13.75 -28.98 -20.94
C LEU A 166 -12.65 -28.23 -20.20
N HIS A 167 -11.38 -28.45 -20.56
CA HIS A 167 -10.25 -27.92 -19.78
C HIS A 167 -9.39 -27.07 -20.71
N VAL A 168 -9.64 -25.76 -20.68
CA VAL A 168 -8.97 -24.80 -21.55
C VAL A 168 -7.92 -24.05 -20.76
N ILE A 169 -6.71 -23.96 -21.31
CA ILE A 169 -5.61 -23.22 -20.67
C ILE A 169 -5.52 -21.80 -21.19
N ASP A 170 -5.35 -21.62 -22.51
CA ASP A 170 -5.23 -20.29 -23.07
C ASP A 170 -5.88 -20.26 -24.44
N VAL A 171 -6.26 -19.05 -24.85
CA VAL A 171 -7.12 -18.82 -26.01
C VAL A 171 -6.79 -17.44 -26.58
N LYS A 172 -6.60 -17.37 -27.90
CA LYS A 172 -6.40 -16.10 -28.58
C LYS A 172 -6.95 -16.17 -29.99
N PHE A 173 -7.44 -15.01 -30.46
CA PHE A 173 -7.90 -14.82 -31.82
C PHE A 173 -6.71 -14.61 -32.75
N LEU A 174 -6.79 -15.23 -33.94
CA LEU A 174 -5.70 -15.20 -34.91
C LEU A 174 -5.70 -13.90 -35.69
N TYR A 175 -4.59 -13.67 -36.39
CA TYR A 175 -4.41 -12.47 -37.20
C TYR A 175 -4.55 -12.79 -38.68
N GLY A 176 -5.03 -11.81 -39.43
CA GLY A 176 -5.08 -11.91 -40.88
C GLY A 176 -5.94 -13.03 -41.42
N CYS A 177 -7.15 -13.16 -40.90
CA CYS A 177 -8.11 -14.15 -41.36
C CYS A 177 -9.35 -13.45 -41.91
N GLN A 178 -10.10 -14.16 -42.73
CA GLN A 178 -11.27 -13.61 -43.42
C GLN A 178 -12.42 -13.31 -42.46
N ALA A 179 -12.79 -14.28 -41.64
CA ALA A 179 -13.82 -14.16 -40.63
C ALA A 179 -13.26 -14.54 -39.27
N PRO A 180 -13.88 -14.05 -38.15
CA PRO A 180 -13.27 -14.27 -36.83
C PRO A 180 -12.90 -15.72 -36.54
N THR A 181 -11.61 -15.96 -36.30
CA THR A 181 -11.07 -17.29 -36.17
C THR A 181 -10.43 -17.46 -34.81
N ILE A 182 -10.55 -18.65 -34.23
CA ILE A 182 -10.02 -18.96 -32.91
C ILE A 182 -9.00 -20.08 -33.01
N CYS A 183 -7.90 -19.93 -32.29
CA CYS A 183 -6.90 -20.95 -32.08
C CYS A 183 -6.53 -20.95 -30.61
N PHE A 184 -6.45 -22.14 -30.01
CA PHE A 184 -6.34 -22.21 -28.56
C PHE A 184 -5.70 -23.51 -28.13
N VAL A 185 -5.33 -23.58 -26.86
CA VAL A 185 -4.70 -24.73 -26.26
C VAL A 185 -5.60 -25.26 -25.14
N TYR A 186 -5.80 -26.57 -25.12
CA TYR A 186 -6.70 -27.21 -24.17
C TYR A 186 -6.05 -28.44 -23.58
N GLN A 187 -6.59 -28.87 -22.43
CA GLN A 187 -6.11 -30.06 -21.74
C GLN A 187 -7.15 -31.16 -21.81
N ASP A 188 -6.69 -32.37 -22.04
CA ASP A 188 -7.53 -33.56 -22.08
C ASP A 188 -6.64 -34.77 -21.86
N PRO A 189 -7.18 -35.99 -21.81
CA PRO A 189 -6.30 -37.16 -21.80
C PRO A 189 -5.41 -37.19 -23.03
N GLN A 190 -4.24 -37.83 -22.87
CA GLN A 190 -3.19 -37.85 -23.88
C GLN A 190 -2.71 -36.44 -24.24
N GLY A 191 -2.15 -35.76 -23.23
CA GLY A 191 -1.46 -34.51 -23.46
C GLY A 191 -2.38 -33.34 -23.75
N ARG A 192 -1.76 -32.26 -24.20
CA ARG A 192 -2.44 -31.03 -24.55
C ARG A 192 -2.17 -30.69 -26.00
N HIS A 193 -3.13 -30.03 -26.64
CA HIS A 193 -3.07 -29.76 -28.07
C HIS A 193 -3.39 -28.30 -28.35
N VAL A 194 -3.14 -27.90 -29.58
CA VAL A 194 -3.58 -26.62 -30.10
C VAL A 194 -4.37 -26.89 -31.38
N LYS A 195 -5.55 -26.27 -31.48
CA LYS A 195 -6.51 -26.70 -32.48
C LYS A 195 -7.58 -25.61 -32.60
N THR A 196 -8.11 -25.46 -33.81
CA THR A 196 -8.71 -24.21 -34.21
C THR A 196 -10.09 -24.40 -34.82
N TYR A 197 -10.90 -23.34 -34.73
CA TYR A 197 -12.31 -23.32 -35.13
C TYR A 197 -12.61 -22.00 -35.84
N GLU A 198 -13.75 -21.97 -36.51
CA GLU A 198 -14.34 -20.76 -37.07
C GLU A 198 -15.74 -20.54 -36.53
N VAL A 199 -16.02 -19.32 -36.10
CA VAL A 199 -17.31 -18.95 -35.53
C VAL A 199 -18.25 -18.59 -36.67
N SER A 200 -19.54 -18.63 -36.39
CA SER A 200 -20.56 -18.07 -37.28
C SER A 200 -21.65 -17.48 -36.39
N LEU A 201 -21.56 -16.18 -36.12
CA LEU A 201 -22.53 -15.55 -35.22
C LEU A 201 -23.92 -15.45 -35.83
N ARG A 202 -24.03 -15.58 -37.15
CA ARG A 202 -25.34 -15.71 -37.79
C ARG A 202 -26.06 -17.00 -37.39
N GLU A 203 -25.35 -18.12 -37.36
CA GLU A 203 -25.97 -19.40 -37.05
C GLU A 203 -25.46 -20.02 -35.74
N LYS A 204 -24.51 -19.38 -35.05
CA LYS A 204 -24.14 -19.72 -33.69
C LYS A 204 -23.58 -21.14 -33.58
N GLU A 205 -22.48 -21.37 -34.28
CA GLU A 205 -21.81 -22.66 -34.21
C GLU A 205 -20.38 -22.54 -34.73
N PHE A 206 -19.51 -23.42 -34.23
CA PHE A 206 -18.11 -23.45 -34.63
C PHE A 206 -17.96 -24.32 -35.88
N ASN A 207 -17.41 -23.74 -36.95
CA ASN A 207 -17.39 -24.49 -38.20
C ASN A 207 -16.09 -25.26 -38.45
N LYS A 208 -15.01 -24.55 -38.75
CA LYS A 208 -13.70 -25.11 -39.11
C LYS A 208 -12.62 -24.04 -39.13
N GLY A 209 -11.48 -24.31 -38.50
CA GLY A 209 -10.37 -23.40 -38.55
C GLY A 209 -9.54 -23.59 -39.80
N PRO A 210 -8.60 -22.67 -40.05
CA PRO A 210 -7.83 -22.72 -41.30
C PRO A 210 -6.90 -23.92 -41.42
N TRP A 211 -6.56 -24.58 -40.32
CA TRP A 211 -5.65 -25.72 -40.43
C TRP A 211 -6.07 -26.83 -39.47
N LYS A 212 -5.39 -27.96 -39.60
CA LYS A 212 -5.75 -29.19 -38.91
C LYS A 212 -5.22 -29.19 -37.47
N GLN A 213 -5.42 -30.32 -36.79
CA GLN A 213 -5.08 -30.47 -35.38
C GLN A 213 -3.75 -31.20 -35.22
N GLU A 214 -2.90 -30.64 -34.37
CA GLU A 214 -1.56 -31.16 -34.12
C GLU A 214 -1.32 -31.28 -32.61
N ASN A 215 -0.08 -31.57 -32.25
CA ASN A 215 0.30 -31.83 -30.86
C ASN A 215 1.34 -30.82 -30.42
N VAL A 216 1.39 -30.59 -29.11
CA VAL A 216 2.31 -29.64 -28.49
C VAL A 216 2.92 -30.31 -27.27
N GLU A 217 4.12 -29.85 -26.89
CA GLU A 217 4.86 -30.45 -25.79
C GLU A 217 4.04 -30.32 -24.50
N ALA A 218 4.31 -31.22 -23.54
CA ALA A 218 3.33 -31.58 -22.52
C ALA A 218 2.98 -30.44 -21.57
N GLU A 219 3.74 -29.36 -21.51
CA GLU A 219 3.45 -28.30 -20.55
C GLU A 219 3.50 -26.90 -21.15
N ALA A 220 3.09 -26.76 -22.41
CA ALA A 220 2.92 -25.43 -22.98
C ALA A 220 1.71 -24.75 -22.35
N SER A 221 1.88 -23.48 -21.97
CA SER A 221 0.83 -22.73 -21.32
C SER A 221 0.72 -21.30 -21.80
N MET A 222 1.19 -20.97 -23.00
CA MET A 222 1.53 -19.60 -23.36
C MET A 222 1.53 -19.47 -24.88
N VAL A 223 0.64 -18.64 -25.40
CA VAL A 223 0.37 -18.53 -26.83
C VAL A 223 0.57 -17.08 -27.26
N ILE A 224 1.31 -16.87 -28.35
CA ILE A 224 1.51 -15.56 -28.93
C ILE A 224 1.06 -15.58 -30.38
N ALA A 225 0.18 -14.65 -30.73
CA ALA A 225 -0.36 -14.55 -32.08
C ALA A 225 0.52 -13.59 -32.89
N VAL A 226 1.12 -14.11 -33.95
CA VAL A 226 2.06 -13.34 -34.79
C VAL A 226 1.28 -12.38 -35.66
N PRO A 227 1.76 -11.15 -35.86
CA PRO A 227 1.05 -10.19 -36.71
C PRO A 227 1.08 -10.53 -38.19
N GLU A 228 0.59 -9.60 -39.01
CA GLU A 228 0.31 -9.89 -40.41
C GLU A 228 1.51 -10.40 -41.22
N PRO A 229 2.73 -9.86 -41.11
CA PRO A 229 3.76 -10.26 -42.07
C PRO A 229 4.04 -11.76 -42.09
N PHE A 230 4.01 -12.41 -40.93
CA PHE A 230 4.20 -13.85 -40.86
C PHE A 230 2.88 -14.57 -40.63
N GLY A 231 2.07 -14.07 -39.70
CA GLY A 231 0.86 -14.76 -39.29
C GLY A 231 1.18 -15.97 -38.43
N GLY A 232 0.12 -16.68 -38.05
CA GLY A 232 0.29 -17.85 -37.23
C GLY A 232 0.47 -17.52 -35.75
N ALA A 233 1.10 -18.46 -35.05
CA ALA A 233 1.19 -18.40 -33.59
C ALA A 233 2.58 -18.79 -33.11
N ILE A 234 2.91 -18.34 -31.90
CA ILE A 234 4.12 -18.75 -31.18
C ILE A 234 3.68 -19.49 -29.92
N ILE A 235 4.24 -20.68 -29.71
CA ILE A 235 3.89 -21.52 -28.58
C ILE A 235 5.12 -21.64 -27.69
N ILE A 236 4.94 -21.35 -26.41
CA ILE A 236 6.05 -21.30 -25.45
C ILE A 236 5.77 -22.30 -24.33
N GLY A 237 6.79 -23.06 -23.96
CA GLY A 237 6.69 -24.01 -22.87
C GLY A 237 8.01 -24.18 -22.16
N GLN A 238 8.39 -25.42 -21.89
CA GLN A 238 9.70 -25.74 -21.35
C GLN A 238 10.52 -26.42 -22.42
N GLU A 239 11.66 -25.82 -22.75
CA GLU A 239 12.53 -26.29 -23.84
C GLU A 239 11.75 -26.39 -25.15
N SER A 240 10.99 -25.33 -25.43
CA SER A 240 10.25 -25.26 -26.68
C SER A 240 9.85 -23.83 -26.96
N ILE A 241 10.27 -23.33 -28.13
CA ILE A 241 9.69 -22.16 -28.75
C ILE A 241 9.32 -22.58 -30.16
N THR A 242 8.05 -22.39 -30.53
CA THR A 242 7.53 -23.03 -31.73
C THR A 242 6.74 -22.02 -32.56
N TYR A 243 6.73 -22.23 -33.87
CA TYR A 243 5.98 -21.41 -34.80
C TYR A 243 5.06 -22.31 -35.61
N HIS A 244 3.78 -21.94 -35.68
CA HIS A 244 2.81 -22.61 -36.53
C HIS A 244 2.13 -21.58 -37.40
N ASN A 245 2.05 -21.85 -38.70
CA ASN A 245 1.31 -21.01 -39.61
C ASN A 245 0.85 -21.89 -40.77
N GLY A 246 -0.39 -22.36 -40.70
CA GLY A 246 -0.86 -23.31 -41.68
C GLY A 246 -0.04 -24.58 -41.66
N ASP A 247 0.80 -24.76 -42.67
CA ASP A 247 1.59 -25.98 -42.82
C ASP A 247 3.02 -25.86 -42.32
N LYS A 248 3.62 -24.66 -42.35
CA LYS A 248 5.02 -24.52 -41.98
C LYS A 248 5.22 -24.77 -40.50
N TYR A 249 6.31 -25.47 -40.17
CA TYR A 249 6.62 -25.86 -38.79
C TYR A 249 8.11 -25.69 -38.53
N LEU A 250 8.44 -25.13 -37.37
CA LEU A 250 9.83 -25.01 -36.93
C LEU A 250 9.84 -24.88 -35.41
N ALA A 251 11.00 -25.15 -34.82
CA ALA A 251 11.14 -25.11 -33.36
C ALA A 251 12.61 -25.08 -32.98
N ILE A 252 12.87 -24.61 -31.76
CA ILE A 252 14.20 -24.66 -31.15
C ILE A 252 14.05 -25.15 -29.71
N ALA A 253 15.14 -25.69 -29.18
CA ALA A 253 15.18 -26.21 -27.81
C ALA A 253 16.43 -25.68 -27.12
N PRO A 254 16.45 -24.41 -26.73
CA PRO A 254 17.62 -23.85 -26.05
C PRO A 254 17.92 -24.57 -24.76
N PRO A 255 19.19 -24.84 -24.48
CA PRO A 255 19.53 -25.60 -23.26
C PRO A 255 19.43 -24.79 -21.97
N ILE A 256 19.18 -23.48 -22.07
CA ILE A 256 19.24 -22.62 -20.89
C ILE A 256 18.05 -22.86 -19.97
N ILE A 257 16.92 -23.30 -20.51
CA ILE A 257 15.64 -23.21 -19.80
C ILE A 257 15.55 -24.10 -18.56
N LYS A 258 16.28 -25.23 -18.53
CA LYS A 258 16.00 -26.30 -17.56
C LYS A 258 15.67 -25.81 -16.15
N GLN A 259 16.42 -24.83 -15.64
CA GLN A 259 16.29 -24.49 -14.23
C GLN A 259 15.05 -23.65 -13.94
N SER A 260 14.66 -22.76 -14.86
CA SER A 260 13.58 -21.82 -14.55
C SER A 260 12.55 -21.78 -15.66
N THR A 261 11.37 -21.25 -15.33
CA THR A 261 10.21 -21.24 -16.21
C THR A 261 9.83 -19.82 -16.60
N ILE A 262 9.37 -19.66 -17.83
CA ILE A 262 8.98 -18.36 -18.37
C ILE A 262 7.60 -18.02 -17.82
N VAL A 263 7.25 -16.72 -17.77
CA VAL A 263 5.98 -16.27 -17.23
C VAL A 263 5.18 -15.43 -18.22
N CYS A 264 5.70 -14.27 -18.62
CA CYS A 264 4.93 -13.31 -19.40
C CYS A 264 5.66 -13.00 -20.71
N HIS A 265 4.98 -12.24 -21.57
CA HIS A 265 5.57 -11.81 -22.84
C HIS A 265 4.98 -10.47 -23.23
N ASN A 266 5.68 -9.78 -24.12
CA ASN A 266 5.10 -8.61 -24.79
C ASN A 266 5.86 -8.41 -26.09
N ARG A 267 5.11 -8.27 -27.17
CA ARG A 267 5.70 -8.14 -28.50
C ARG A 267 6.50 -6.85 -28.59
N VAL A 268 7.73 -6.95 -29.06
CA VAL A 268 8.62 -5.80 -29.14
C VAL A 268 8.45 -5.06 -30.45
N ASP A 269 8.56 -5.78 -31.56
CA ASP A 269 8.42 -5.25 -32.90
C ASP A 269 6.98 -5.34 -33.37
N PRO A 270 6.37 -4.22 -33.75
CA PRO A 270 5.04 -4.30 -34.38
C PRO A 270 5.03 -5.23 -35.58
N ASN A 271 6.12 -5.27 -36.35
CA ASN A 271 6.26 -6.28 -37.39
C ASN A 271 6.33 -7.68 -36.78
N GLY A 272 6.84 -7.79 -35.56
CA GLY A 272 7.01 -9.09 -34.95
C GLY A 272 8.35 -9.73 -35.27
N SER A 273 9.45 -9.09 -34.88
CA SER A 273 10.77 -9.66 -35.10
C SER A 273 11.52 -9.98 -33.81
N ARG A 274 11.34 -9.17 -32.76
CA ARG A 274 11.96 -9.46 -31.47
C ARG A 274 10.87 -9.55 -30.42
N TYR A 275 11.17 -10.29 -29.34
CA TYR A 275 10.19 -10.56 -28.31
C TYR A 275 10.84 -10.48 -26.95
N LEU A 276 10.05 -10.12 -25.95
CA LEU A 276 10.48 -10.13 -24.56
C LEU A 276 9.82 -11.27 -23.81
N LEU A 277 10.59 -11.92 -22.95
CA LEU A 277 10.10 -13.05 -22.18
C LEU A 277 10.57 -12.90 -20.74
N GLY A 278 9.69 -13.23 -19.80
CA GLY A 278 9.98 -13.03 -18.39
C GLY A 278 10.07 -14.35 -17.65
N ASP A 279 11.11 -14.46 -16.82
CA ASP A 279 11.47 -15.73 -16.23
C ASP A 279 10.83 -15.84 -14.83
N MET A 280 10.90 -17.03 -14.25
CA MET A 280 10.26 -17.26 -12.96
C MET A 280 11.14 -16.84 -11.79
N GLU A 281 12.39 -16.44 -12.03
CA GLU A 281 13.25 -16.02 -10.93
C GLU A 281 14.13 -14.82 -11.28
N GLY A 282 14.01 -14.25 -12.47
CA GLY A 282 14.59 -12.94 -12.73
C GLY A 282 15.16 -12.66 -14.10
N ARG A 283 15.70 -13.65 -14.81
CA ARG A 283 16.42 -13.33 -16.05
C ARG A 283 15.44 -13.00 -17.18
N LEU A 284 15.44 -11.74 -17.58
CA LEU A 284 14.68 -11.26 -18.73
C LEU A 284 15.35 -11.77 -20.00
N PHE A 285 14.55 -12.09 -21.00
CA PHE A 285 15.05 -12.75 -22.21
C PHE A 285 14.83 -11.87 -23.44
N MET A 286 15.33 -12.37 -24.57
CA MET A 286 15.11 -11.78 -25.89
C MET A 286 15.04 -12.89 -26.91
N LEU A 287 14.01 -12.86 -27.75
CA LEU A 287 13.78 -13.89 -28.75
C LEU A 287 13.92 -13.28 -30.14
N LEU A 288 14.52 -14.02 -31.06
CA LEU A 288 14.86 -13.52 -32.37
C LEU A 288 14.07 -14.25 -33.45
N LEU A 289 13.46 -13.48 -34.35
CA LEU A 289 12.73 -13.98 -35.51
C LEU A 289 13.47 -13.53 -36.76
N GLU A 290 14.09 -14.49 -37.46
CA GLU A 290 14.90 -14.19 -38.63
C GLU A 290 14.12 -14.52 -39.90
N LYS A 291 13.91 -13.51 -40.74
CA LYS A 291 13.06 -13.60 -41.92
C LYS A 291 13.86 -13.56 -43.20
N GLU A 292 13.27 -14.11 -44.27
CA GLU A 292 13.84 -14.06 -45.60
C GLU A 292 12.82 -13.44 -46.55
N GLU A 293 13.30 -12.87 -47.65
CA GLU A 293 12.42 -12.35 -48.69
C GLU A 293 12.34 -13.35 -49.84
N GLN A 294 11.12 -13.82 -50.12
CA GLN A 294 10.88 -14.65 -51.29
C GLN A 294 11.05 -13.81 -52.56
N MET A 295 11.41 -14.50 -53.66
CA MET A 295 11.62 -13.80 -54.92
C MET A 295 10.33 -13.14 -55.41
N ASP A 296 9.17 -13.75 -55.15
CA ASP A 296 7.88 -13.19 -55.52
C ASP A 296 6.84 -13.21 -54.43
N GLY A 297 6.89 -14.17 -53.50
CA GLY A 297 5.86 -14.34 -52.50
C GLY A 297 6.09 -13.47 -51.27
N THR A 298 5.23 -13.69 -50.28
CA THR A 298 5.28 -12.91 -49.05
C THR A 298 6.50 -13.31 -48.21
N VAL A 299 6.77 -12.50 -47.18
CA VAL A 299 7.91 -12.76 -46.31
C VAL A 299 7.68 -14.05 -45.52
N THR A 300 8.79 -14.61 -45.05
CA THR A 300 8.82 -15.86 -44.28
C THR A 300 10.07 -15.85 -43.42
N LEU A 301 10.12 -16.74 -42.42
CA LEU A 301 11.23 -16.78 -41.47
C LEU A 301 12.04 -18.06 -41.66
N LYS A 302 13.27 -18.06 -41.12
CA LYS A 302 14.06 -19.30 -41.04
C LYS A 302 13.95 -19.98 -39.69
N ASP A 303 14.44 -19.35 -38.63
CA ASP A 303 14.71 -20.02 -37.37
C ASP A 303 14.50 -19.06 -36.21
N LEU A 304 14.92 -19.50 -35.02
CA LEU A 304 14.69 -18.79 -33.78
C LEU A 304 15.98 -18.76 -32.97
N ARG A 305 16.23 -17.62 -32.31
CA ARG A 305 17.44 -17.47 -31.51
C ARG A 305 17.10 -16.75 -30.20
N VAL A 306 17.64 -17.26 -29.10
CA VAL A 306 17.48 -16.69 -27.77
C VAL A 306 18.84 -16.23 -27.28
N GLU A 307 18.85 -15.40 -26.23
CA GLU A 307 20.08 -14.92 -25.61
C GLU A 307 19.80 -14.45 -24.20
N LEU A 308 20.71 -14.77 -23.28
CA LEU A 308 20.60 -14.28 -21.91
C LEU A 308 20.83 -12.78 -21.88
N LEU A 309 19.85 -12.03 -21.40
CA LEU A 309 19.89 -10.58 -21.56
C LEU A 309 20.33 -9.86 -20.30
N GLY A 310 19.65 -10.10 -19.18
CA GLY A 310 19.99 -9.38 -17.96
C GLY A 310 19.37 -10.00 -16.73
N GLU A 311 19.26 -9.19 -15.68
CA GLU A 311 18.75 -9.62 -14.39
C GLU A 311 17.65 -8.68 -13.92
N THR A 312 16.57 -9.26 -13.42
CA THR A 312 15.44 -8.51 -12.89
C THR A 312 14.87 -9.30 -11.71
N SER A 313 13.76 -8.83 -11.17
CA SER A 313 13.01 -9.54 -10.15
C SER A 313 12.13 -10.60 -10.79
N ILE A 314 11.32 -11.26 -9.97
CA ILE A 314 10.33 -12.18 -10.51
C ILE A 314 9.24 -11.38 -11.17
N ALA A 315 8.86 -11.78 -12.38
CA ALA A 315 7.95 -11.01 -13.21
C ALA A 315 6.58 -11.67 -13.25
N GLU A 316 5.54 -10.87 -13.03
CA GLU A 316 4.16 -11.28 -13.23
C GLU A 316 3.62 -10.78 -14.57
N CYS A 317 3.89 -9.52 -14.88
CA CYS A 317 3.50 -8.90 -16.13
C CYS A 317 4.72 -8.21 -16.71
N LEU A 318 4.80 -8.13 -18.04
CA LEU A 318 6.00 -7.68 -18.73
C LEU A 318 5.59 -6.97 -20.01
N THR A 319 6.04 -5.73 -20.19
CA THR A 319 5.73 -4.95 -21.37
C THR A 319 6.95 -4.19 -21.86
N TYR A 320 7.35 -4.47 -23.11
CA TYR A 320 8.35 -3.65 -23.79
C TYR A 320 7.68 -2.34 -24.14
N LEU A 321 8.26 -1.24 -23.68
CA LEU A 321 7.56 0.03 -23.78
C LEU A 321 7.99 0.79 -25.05
N ASP A 322 9.27 1.15 -25.13
CA ASP A 322 9.92 1.62 -26.36
C ASP A 322 11.36 1.96 -26.06
N ASN A 323 12.18 2.03 -27.10
CA ASN A 323 13.53 2.61 -27.02
C ASN A 323 14.33 1.97 -25.87
N GLY A 324 14.15 0.67 -25.73
CA GLY A 324 14.91 -0.08 -24.74
C GLY A 324 14.66 0.26 -23.29
N VAL A 325 13.47 0.77 -22.96
CA VAL A 325 13.02 0.87 -21.59
C VAL A 325 11.85 -0.09 -21.40
N VAL A 326 11.88 -0.85 -20.32
CA VAL A 326 10.96 -1.97 -20.13
C VAL A 326 10.45 -1.97 -18.69
N PHE A 327 9.14 -2.13 -18.52
CA PHE A 327 8.52 -2.27 -17.20
C PHE A 327 8.58 -3.73 -16.79
N VAL A 328 8.96 -3.99 -15.55
CA VAL A 328 8.94 -5.31 -14.96
C VAL A 328 7.86 -5.32 -13.90
N GLY A 329 6.85 -6.17 -14.07
CA GLY A 329 5.73 -6.24 -13.15
C GLY A 329 5.89 -7.42 -12.21
N SER A 330 6.02 -7.10 -10.92
CA SER A 330 6.29 -8.10 -9.90
C SER A 330 5.12 -8.18 -8.93
N ARG A 331 4.72 -9.41 -8.61
CA ARG A 331 3.71 -9.66 -7.62
C ARG A 331 4.28 -10.18 -6.30
N LEU A 332 5.41 -10.90 -6.34
CA LEU A 332 6.05 -11.43 -5.14
C LEU A 332 7.21 -10.57 -4.66
N GLY A 333 7.52 -9.48 -5.34
CA GLY A 333 8.63 -8.65 -4.94
C GLY A 333 8.50 -7.25 -5.48
N ASP A 334 9.59 -6.50 -5.34
CA ASP A 334 9.63 -5.14 -5.87
C ASP A 334 9.68 -5.16 -7.40
N SER A 335 8.81 -4.38 -8.02
CA SER A 335 8.87 -4.13 -9.44
C SER A 335 9.84 -3.00 -9.73
N GLN A 336 10.44 -3.04 -10.91
CA GLN A 336 11.43 -2.03 -11.27
C GLN A 336 11.31 -1.70 -12.75
N LEU A 337 11.95 -0.61 -13.13
CA LEU A 337 11.94 -0.12 -14.50
C LEU A 337 13.36 -0.13 -15.03
N VAL A 338 13.56 -0.68 -16.22
CA VAL A 338 14.88 -1.07 -16.68
C VAL A 338 15.21 -0.41 -18.01
N LYS A 339 16.49 -0.07 -18.20
CA LYS A 339 17.03 0.36 -19.47
C LYS A 339 17.96 -0.72 -20.03
N LEU A 340 17.76 -1.04 -21.29
CA LEU A 340 18.62 -2.00 -22.00
C LEU A 340 19.63 -1.20 -22.80
N ASN A 341 20.91 -1.53 -22.64
CA ASN A 341 21.96 -0.83 -23.36
C ASN A 341 22.20 -1.47 -24.72
N VAL A 342 23.02 -0.78 -25.52
CA VAL A 342 23.38 -1.26 -26.85
C VAL A 342 24.73 -1.97 -26.76
N ASP A 343 25.47 -1.69 -25.68
CA ASP A 343 26.75 -2.33 -25.44
C ASP A 343 26.72 -2.93 -24.05
N SER A 344 27.09 -4.21 -23.94
CA SER A 344 27.04 -4.91 -22.67
C SER A 344 28.21 -4.51 -21.78
N ASN A 345 27.92 -4.24 -20.51
CA ASN A 345 28.94 -3.88 -19.54
C ASN A 345 29.67 -5.14 -19.09
N GLU A 346 30.44 -5.02 -18.00
CA GLU A 346 31.18 -6.16 -17.46
C GLU A 346 30.23 -7.29 -17.12
N GLN A 347 30.72 -8.53 -17.28
CA GLN A 347 29.95 -9.76 -17.11
C GLN A 347 28.92 -9.89 -18.23
N GLY A 348 28.87 -8.90 -19.12
CA GLY A 348 27.98 -8.96 -20.27
C GLY A 348 26.52 -8.78 -19.92
N SER A 349 26.15 -7.57 -19.48
CA SER A 349 24.77 -7.25 -19.15
C SER A 349 24.39 -5.90 -19.74
N TYR A 350 23.23 -5.86 -20.39
CA TYR A 350 22.73 -4.66 -21.06
C TYR A 350 21.83 -3.82 -20.18
N VAL A 351 21.59 -4.23 -18.94
CA VAL A 351 20.48 -3.73 -18.13
C VAL A 351 20.96 -2.61 -17.23
N VAL A 352 20.16 -1.54 -17.14
CA VAL A 352 20.35 -0.46 -16.20
C VAL A 352 18.99 -0.06 -15.66
N ALA A 353 18.86 -0.04 -14.33
CA ALA A 353 17.59 0.35 -13.73
C ALA A 353 17.55 1.85 -13.48
N MET A 354 16.33 2.38 -13.36
CA MET A 354 16.14 3.80 -13.05
C MET A 354 15.25 4.00 -11.84
N GLU A 355 14.17 3.24 -11.71
CA GLU A 355 13.31 3.31 -10.53
C GLU A 355 13.05 1.91 -9.98
N THR A 356 12.54 1.87 -8.76
CA THR A 356 11.99 0.67 -8.16
C THR A 356 10.66 1.04 -7.49
N PHE A 357 9.75 0.08 -7.43
CA PHE A 357 8.43 0.29 -6.85
C PHE A 357 8.23 -0.70 -5.70
N THR A 358 7.99 -0.17 -4.51
CA THR A 358 7.85 -1.00 -3.32
C THR A 358 6.59 -1.86 -3.40
N ASN A 359 6.68 -3.06 -2.83
CA ASN A 359 5.58 -4.01 -2.83
C ASN A 359 5.69 -4.85 -1.57
N LEU A 360 4.76 -4.64 -0.63
CA LEU A 360 4.71 -5.48 0.57
C LEU A 360 4.41 -6.93 0.25
N GLY A 361 3.85 -7.22 -0.92
CA GLY A 361 3.65 -8.59 -1.34
C GLY A 361 2.79 -9.38 -0.37
N PRO A 362 2.96 -10.69 -0.37
CA PRO A 362 2.18 -11.52 0.55
C PRO A 362 2.69 -11.36 1.97
N ILE A 363 1.90 -10.68 2.80
CA ILE A 363 2.23 -10.45 4.20
C ILE A 363 1.97 -11.76 4.95
N VAL A 364 3.02 -12.54 5.16
CA VAL A 364 2.87 -13.86 5.77
C VAL A 364 2.57 -13.79 7.26
N ASP A 365 3.24 -12.91 8.00
CA ASP A 365 2.98 -12.74 9.43
C ASP A 365 3.51 -11.39 9.86
N MET A 366 3.06 -10.95 11.02
CA MET A 366 3.40 -9.62 11.51
C MET A 366 3.23 -9.59 13.01
N CYS A 367 3.88 -8.60 13.65
CA CYS A 367 3.71 -8.37 15.07
C CYS A 367 3.66 -6.87 15.30
N VAL A 368 3.14 -6.47 16.45
CA VAL A 368 3.12 -5.08 16.86
C VAL A 368 4.21 -4.90 17.91
N VAL A 369 5.12 -3.97 17.66
CA VAL A 369 6.30 -3.77 18.49
C VAL A 369 6.44 -2.27 18.74
N ASP A 370 6.76 -1.92 19.98
CA ASP A 370 6.90 -0.52 20.39
C ASP A 370 8.37 -0.30 20.73
N LEU A 371 9.07 0.43 19.86
CA LEU A 371 10.52 0.49 19.95
C LEU A 371 10.98 1.50 21.00
N GLU A 372 10.53 2.76 20.89
CA GLU A 372 11.07 3.82 21.73
C GLU A 372 10.26 4.07 22.99
N ARG A 373 9.39 3.13 23.38
CA ARG A 373 8.74 3.09 24.70
C ARG A 373 7.62 4.12 24.85
N GLN A 374 7.32 4.94 23.84
CA GLN A 374 6.18 5.84 23.96
C GLN A 374 4.90 5.06 23.75
N GLY A 375 3.76 5.75 23.69
CA GLY A 375 2.49 5.07 23.51
C GLY A 375 2.12 4.84 22.06
N GLN A 376 3.08 4.37 21.25
CA GLN A 376 2.85 4.12 19.84
C GLN A 376 3.81 3.05 19.35
N GLY A 377 3.27 1.86 19.09
CA GLY A 377 4.04 0.78 18.51
C GLY A 377 4.06 0.88 17.00
N GLN A 378 4.90 0.05 16.38
CA GLN A 378 5.00 0.00 14.93
C GLN A 378 5.08 -1.44 14.47
N LEU A 379 4.64 -1.66 13.24
CA LEU A 379 4.40 -3.00 12.72
C LEU A 379 5.58 -3.47 11.88
N VAL A 380 5.98 -4.73 12.08
CA VAL A 380 7.06 -5.34 11.33
C VAL A 380 6.54 -6.63 10.73
N THR A 381 6.65 -6.77 9.41
CA THR A 381 6.01 -7.85 8.68
C THR A 381 7.05 -8.77 8.05
N CYS A 382 6.57 -9.88 7.51
CA CYS A 382 7.40 -10.81 6.77
C CYS A 382 6.96 -10.78 5.30
N SER A 383 7.60 -9.93 4.51
CA SER A 383 7.14 -9.60 3.17
C SER A 383 8.00 -10.30 2.13
N GLY A 384 7.61 -10.14 0.87
CA GLY A 384 8.40 -10.61 -0.25
C GLY A 384 8.40 -12.12 -0.40
N ALA A 385 9.36 -12.60 -1.18
CA ALA A 385 9.43 -14.00 -1.54
C ALA A 385 10.88 -14.40 -1.76
N PHE A 386 11.08 -15.49 -2.50
CA PHE A 386 12.32 -16.25 -2.58
C PHE A 386 13.59 -15.40 -2.65
N LYS A 387 13.62 -14.40 -3.53
CA LYS A 387 14.81 -13.59 -3.71
C LYS A 387 14.62 -12.14 -3.30
N GLU A 388 13.38 -11.71 -3.11
CA GLU A 388 13.08 -10.35 -2.68
C GLU A 388 12.61 -10.29 -1.24
N GLY A 389 12.32 -11.43 -0.63
CA GLY A 389 11.78 -11.44 0.72
C GLY A 389 12.66 -10.67 1.68
N SER A 390 12.02 -9.78 2.43
CA SER A 390 12.73 -8.83 3.27
C SER A 390 11.91 -8.63 4.53
N LEU A 391 12.34 -7.66 5.33
CA LEU A 391 11.56 -7.19 6.47
C LEU A 391 11.19 -5.75 6.24
N ARG A 392 9.93 -5.42 6.50
CA ARG A 392 9.44 -4.06 6.34
C ARG A 392 9.06 -3.54 7.72
N ILE A 393 9.53 -2.34 8.04
CA ILE A 393 9.20 -1.68 9.28
C ILE A 393 8.22 -0.57 8.95
N ILE A 394 6.94 -0.89 9.00
CA ILE A 394 5.87 0.04 8.64
C ILE A 394 5.63 0.94 9.83
N ARG A 395 5.89 2.23 9.64
CA ARG A 395 5.71 3.23 10.69
C ARG A 395 4.72 4.28 10.23
N ASN A 396 3.70 4.50 11.04
CA ASN A 396 2.76 5.59 10.81
C ASN A 396 3.45 6.90 11.16
N GLY A 397 3.51 7.81 10.21
CA GLY A 397 4.18 9.07 10.41
C GLY A 397 5.69 8.96 10.31
N ILE A 398 6.33 10.11 10.37
CA ILE A 398 7.78 10.21 10.25
C ILE A 398 8.39 10.22 11.63
N GLY A 399 9.53 9.53 11.79
CA GLY A 399 10.23 9.52 13.05
C GLY A 399 11.23 10.66 13.17
N ILE A 400 11.21 11.35 14.30
CA ILE A 400 12.08 12.48 14.54
C ILE A 400 13.44 11.98 15.02
N HIS A 401 14.48 12.77 14.76
CA HIS A 401 15.86 12.43 15.13
C HIS A 401 16.42 13.63 15.88
N GLU A 402 16.15 13.69 17.19
CA GLU A 402 16.48 14.87 17.97
C GLU A 402 17.97 14.92 18.28
N HIS A 403 18.52 16.14 18.30
CA HIS A 403 19.90 16.38 18.70
C HIS A 403 20.00 17.28 19.92
N ALA A 404 19.28 18.40 19.93
CA ALA A 404 19.28 19.34 21.05
C ALA A 404 17.83 19.69 21.39
N SER A 405 17.30 19.01 22.40
CA SER A 405 15.93 19.25 22.87
C SER A 405 16.00 19.77 24.30
N ILE A 406 15.44 20.95 24.54
CA ILE A 406 15.49 21.61 25.84
C ILE A 406 14.08 22.07 26.19
N ASP A 407 13.72 21.91 27.47
CA ASP A 407 12.41 22.35 27.97
C ASP A 407 12.43 23.86 28.11
N LEU A 408 12.04 24.55 27.03
CA LEU A 408 12.00 26.01 27.00
C LEU A 408 10.55 26.46 26.86
N PRO A 409 10.04 27.32 27.76
CA PRO A 409 8.62 27.68 27.70
C PRO A 409 8.20 28.41 26.44
N GLY A 410 6.92 28.75 26.35
CA GLY A 410 6.31 29.34 25.16
C GLY A 410 7.11 30.42 24.48
N ILE A 411 7.25 30.30 23.16
CA ILE A 411 8.05 31.22 22.35
C ILE A 411 7.16 31.78 21.25
N LYS A 412 7.02 33.11 21.23
CA LYS A 412 6.22 33.77 20.21
C LYS A 412 6.91 33.81 18.85
N GLY A 413 8.20 34.16 18.83
CA GLY A 413 8.93 34.19 17.58
C GLY A 413 10.34 33.71 17.81
N LEU A 414 10.98 33.27 16.74
CA LEU A 414 12.33 32.74 16.84
C LEU A 414 12.94 32.81 15.44
N TRP A 415 14.00 33.58 15.29
CA TRP A 415 14.48 33.99 13.97
C TRP A 415 15.94 33.62 13.81
N PRO A 416 16.42 33.50 12.58
CA PRO A 416 17.86 33.49 12.33
C PRO A 416 18.37 34.87 11.94
N LEU A 417 19.69 35.01 11.95
CA LEU A 417 20.39 36.15 11.37
C LEU A 417 21.76 35.68 10.92
N ARG A 418 22.41 36.51 10.11
CA ARG A 418 23.76 36.26 9.63
C ARG A 418 24.69 37.36 10.12
N SER A 419 25.71 36.97 10.90
CA SER A 419 26.62 37.89 11.55
C SER A 419 27.82 38.28 10.70
N ASP A 420 27.99 37.64 9.55
CA ASP A 420 29.07 37.95 8.62
C ASP A 420 28.43 38.47 7.34
N PRO A 421 29.21 38.90 6.33
CA PRO A 421 28.59 39.21 5.03
C PRO A 421 27.89 38.00 4.43
N ASN A 422 27.30 38.15 3.25
CA ASN A 422 26.44 37.09 2.72
C ASN A 422 27.26 35.87 2.36
N ARG A 423 27.78 35.20 3.39
CA ARG A 423 28.58 34.00 3.33
C ARG A 423 27.65 32.79 3.17
N GLU A 424 28.19 31.59 3.34
CA GLU A 424 27.44 30.34 3.31
C GLU A 424 26.60 30.27 4.58
N THR A 425 26.11 29.08 4.93
CA THR A 425 25.08 28.84 5.93
C THR A 425 25.18 29.78 7.13
N ASP A 426 24.02 30.25 7.58
CA ASP A 426 23.92 31.26 8.64
C ASP A 426 24.61 30.80 9.92
N ASP A 427 24.91 31.77 10.78
CA ASP A 427 25.75 31.53 11.95
C ASP A 427 25.07 32.01 13.23
N THR A 428 23.78 32.33 13.20
CA THR A 428 23.16 32.99 14.34
C THR A 428 21.67 32.67 14.39
N LEU A 429 21.11 32.68 15.60
CA LEU A 429 19.69 32.48 15.84
C LEU A 429 19.18 33.58 16.78
N VAL A 430 17.92 33.93 16.61
CA VAL A 430 17.27 34.98 17.39
C VAL A 430 16.04 34.38 18.07
N LEU A 431 16.01 34.45 19.40
CA LEU A 431 14.86 34.01 20.17
C LEU A 431 13.85 35.14 20.33
N SER A 432 12.75 34.82 21.01
CA SER A 432 11.79 35.81 21.47
C SER A 432 10.83 35.17 22.46
N PHE A 433 10.87 35.63 23.70
CA PHE A 433 9.90 35.20 24.69
C PHE A 433 8.60 35.98 24.51
N VAL A 434 7.76 35.96 25.54
CA VAL A 434 6.36 36.39 25.45
C VAL A 434 6.24 37.83 24.97
N GLY A 435 7.08 38.73 25.47
CA GLY A 435 6.91 40.13 25.14
C GLY A 435 8.16 40.87 24.71
N GLN A 436 9.15 40.13 24.20
CA GLN A 436 10.37 40.75 23.71
C GLN A 436 11.09 39.77 22.79
N THR A 437 12.16 40.25 22.18
CA THR A 437 12.96 39.46 21.24
C THR A 437 14.40 39.43 21.68
N ARG A 438 14.98 38.22 21.73
CA ARG A 438 16.32 38.00 22.22
C ARG A 438 17.16 37.37 21.11
N VAL A 439 18.43 37.75 21.02
CA VAL A 439 19.31 37.27 19.96
C VAL A 439 20.36 36.34 20.56
N LEU A 440 20.47 35.15 19.99
CA LEU A 440 21.50 34.19 20.40
C LEU A 440 22.70 34.33 19.48
N MET A 441 23.63 33.38 19.59
CA MET A 441 24.73 33.22 18.65
C MET A 441 25.04 31.73 18.58
N LEU A 442 25.11 31.21 17.35
CA LEU A 442 25.16 29.76 17.14
C LEU A 442 26.55 29.44 16.60
N ASN A 443 27.51 29.27 17.50
CA ASN A 443 28.86 28.85 17.15
C ASN A 443 29.06 27.37 17.47
N GLY A 444 28.30 26.52 16.78
CA GLY A 444 28.42 25.10 16.96
C GLY A 444 27.31 24.48 17.78
N GLU A 445 27.63 23.37 18.46
CA GLU A 445 26.61 22.64 19.21
C GLU A 445 26.20 23.36 20.49
N GLU A 446 27.02 24.31 20.97
CA GLU A 446 26.73 25.00 22.21
C GLU A 446 25.80 26.19 21.96
N VAL A 447 25.14 26.62 23.03
CA VAL A 447 24.22 27.75 22.99
C VAL A 447 24.73 28.85 23.91
N GLU A 448 24.65 30.08 23.43
CA GLU A 448 25.20 31.22 24.17
C GLU A 448 24.32 32.44 23.92
N GLU A 449 24.44 33.41 24.82
CA GLU A 449 23.69 34.67 24.74
C GLU A 449 24.63 35.84 24.53
N THR A 450 24.32 36.68 23.54
CA THR A 450 25.05 37.92 23.31
C THR A 450 24.09 38.91 22.65
N GLU A 451 23.78 40.00 23.35
CA GLU A 451 22.93 41.05 22.80
C GLU A 451 23.75 42.02 21.95
N LEU A 452 23.36 42.15 20.69
CA LEU A 452 23.91 43.19 19.84
C LEU A 452 23.34 44.55 20.24
N MET A 453 24.21 45.55 20.29
CA MET A 453 23.79 46.90 20.68
C MET A 453 23.35 47.71 19.45
N GLY A 454 22.45 47.10 18.68
CA GLY A 454 21.84 47.75 17.54
C GLY A 454 20.38 47.35 17.38
N PHE A 455 19.89 46.50 18.27
CA PHE A 455 18.54 45.97 18.23
C PHE A 455 17.79 46.38 19.49
N VAL A 456 16.58 45.84 19.63
CA VAL A 456 15.72 46.09 20.78
C VAL A 456 15.77 44.87 21.69
N ASP A 457 15.55 45.10 22.99
CA ASP A 457 15.67 44.02 23.97
C ASP A 457 14.54 44.01 24.99
N ASP A 458 13.51 44.84 24.84
CA ASP A 458 12.45 44.89 25.84
C ASP A 458 11.05 44.68 25.27
N GLN A 459 10.87 44.67 23.96
CA GLN A 459 9.52 44.65 23.39
C GLN A 459 9.49 43.77 22.14
N GLN A 460 8.33 43.15 21.92
CA GLN A 460 8.18 42.13 20.88
C GLN A 460 8.15 42.75 19.49
N THR A 461 8.72 42.04 18.51
CA THR A 461 8.69 42.48 17.12
C THR A 461 8.15 41.36 16.25
N PHE A 462 7.77 41.71 15.01
CA PHE A 462 7.28 40.69 14.09
C PHE A 462 8.39 40.10 13.23
N PHE A 463 9.25 40.95 12.66
CA PHE A 463 10.26 40.49 11.71
C PHE A 463 11.62 40.94 12.19
N CYS A 464 12.61 40.05 12.06
CA CYS A 464 13.96 40.35 12.53
C CYS A 464 15.03 40.02 11.50
N GLY A 465 14.74 39.15 10.53
CA GLY A 465 15.76 38.65 9.62
C GLY A 465 16.24 39.62 8.56
N ASN A 466 16.82 39.07 7.49
CA ASN A 466 17.41 39.86 6.41
C ASN A 466 16.67 39.57 5.12
N VAL A 467 16.77 40.51 4.17
CA VAL A 467 16.19 40.30 2.85
C VAL A 467 17.30 40.21 1.81
N ALA A 468 18.11 41.26 1.67
CA ALA A 468 19.21 41.30 0.70
C ALA A 468 19.96 42.62 0.86
N HIS A 469 21.08 42.71 0.13
CA HIS A 469 21.85 43.95 -0.06
C HIS A 469 22.42 44.50 1.25
N GLN A 470 23.12 43.62 1.97
CA GLN A 470 23.99 43.98 3.08
C GLN A 470 23.33 44.98 4.04
N GLN A 471 22.31 44.49 4.75
CA GLN A 471 21.56 45.30 5.69
C GLN A 471 20.63 44.39 6.49
N LEU A 472 20.12 44.94 7.59
CA LEU A 472 19.22 44.21 8.47
C LEU A 472 17.94 45.03 8.67
N ILE A 473 16.83 44.33 8.92
CA ILE A 473 15.50 44.93 9.00
C ILE A 473 15.05 44.95 10.46
N GLN A 474 14.25 45.96 10.83
CA GLN A 474 13.70 46.07 12.18
C GLN A 474 12.23 46.47 12.03
N ILE A 475 11.35 45.48 12.21
CA ILE A 475 9.90 45.71 12.08
C ILE A 475 9.25 45.65 13.46
N THR A 476 8.61 46.74 13.85
CA THR A 476 8.08 46.87 15.21
C THR A 476 6.78 47.67 15.22
N SER A 477 5.99 47.44 16.27
CA SER A 477 4.87 48.31 16.58
C SER A 477 5.31 49.73 16.91
N ALA A 478 6.44 49.89 17.59
CA ALA A 478 6.88 51.20 18.04
C ALA A 478 7.66 51.96 16.98
N SER A 479 8.31 51.26 16.06
CA SER A 479 9.19 51.91 15.09
C SER A 479 9.44 50.97 13.92
N VAL A 480 9.89 51.55 12.80
CA VAL A 480 10.46 50.80 11.70
C VAL A 480 11.86 51.34 11.44
N ARG A 481 12.82 50.43 11.24
CA ARG A 481 14.21 50.82 11.31
C ARG A 481 15.04 49.81 10.52
N LEU A 482 16.23 50.25 10.10
CA LEU A 482 17.13 49.42 9.30
C LEU A 482 18.51 49.47 9.95
N VAL A 483 19.24 48.35 9.87
CA VAL A 483 20.49 48.19 10.60
C VAL A 483 21.63 47.93 9.62
N SER A 484 22.73 48.68 9.82
CA SER A 484 23.98 48.44 9.10
C SER A 484 24.83 47.44 9.88
N GLN A 485 25.48 46.54 9.15
CA GLN A 485 26.09 45.37 9.77
C GLN A 485 27.60 45.47 9.93
N GLU A 486 28.32 46.05 8.96
CA GLU A 486 29.76 46.25 9.16
C GLU A 486 30.06 47.05 10.42
N PRO A 487 29.39 48.18 10.70
CA PRO A 487 29.50 48.77 12.04
C PRO A 487 28.71 47.99 13.09
N LYS A 488 27.83 47.10 12.67
CA LYS A 488 26.88 46.42 13.56
C LYS A 488 26.14 47.46 14.39
N ALA A 489 25.77 48.56 13.74
CA ALA A 489 25.17 49.72 14.38
C ALA A 489 24.01 50.23 13.55
N LEU A 490 23.57 51.43 13.88
CA LEU A 490 22.35 51.95 13.30
C LEU A 490 22.64 52.99 12.22
N VAL A 491 21.79 53.04 11.21
CA VAL A 491 21.94 53.92 10.07
C VAL A 491 20.84 54.98 10.02
N SER A 492 19.62 54.62 10.42
CA SER A 492 18.51 55.56 10.36
C SER A 492 17.39 55.07 11.28
N GLU A 493 16.47 55.98 11.57
CA GLU A 493 15.35 55.69 12.46
C GLU A 493 14.06 56.20 11.83
N TRP A 494 12.98 55.45 12.04
CA TRP A 494 11.64 55.88 11.65
C TRP A 494 10.65 55.41 12.70
N LYS A 495 9.54 56.12 12.83
CA LYS A 495 8.45 55.74 13.71
C LYS A 495 7.11 55.90 13.00
N GLU A 496 6.12 55.14 13.44
CA GLU A 496 4.78 55.25 12.90
C GLU A 496 4.20 56.61 13.26
N PRO A 497 3.72 57.40 12.29
CA PRO A 497 3.17 58.71 12.63
C PRO A 497 1.72 58.63 13.10
N GLN A 498 1.43 57.65 13.95
CA GLN A 498 0.14 57.56 14.63
C GLN A 498 0.27 57.08 16.07
N ALA A 499 1.45 56.66 16.51
CA ALA A 499 1.71 56.16 17.86
C ALA A 499 0.80 55.00 18.24
N LYS A 500 0.40 54.17 17.28
CA LYS A 500 -0.53 53.08 17.53
C LYS A 500 0.20 51.75 17.34
N ASN A 501 -0.03 50.83 18.28
CA ASN A 501 0.66 49.55 18.28
C ASN A 501 0.18 48.68 17.12
N ILE A 502 1.14 48.12 16.36
CA ILE A 502 0.79 47.39 15.16
C ILE A 502 0.04 46.12 15.54
N SER A 503 -0.77 45.62 14.61
CA SER A 503 -1.43 44.33 14.77
C SER A 503 -0.54 43.19 14.26
N VAL A 504 -0.22 43.21 12.97
CA VAL A 504 0.64 42.20 12.34
C VAL A 504 1.46 42.87 11.24
N ALA A 505 2.51 42.17 10.81
CA ALA A 505 3.35 42.57 9.68
C ALA A 505 3.59 41.35 8.79
N SER A 506 4.47 41.50 7.81
CA SER A 506 4.84 40.39 6.94
C SER A 506 6.12 40.72 6.19
N CYS A 507 7.08 39.79 6.21
CA CYS A 507 8.27 39.88 5.36
C CYS A 507 8.98 38.53 5.37
N ASN A 508 9.23 37.98 4.18
CA ASN A 508 10.05 36.78 4.10
C ASN A 508 11.44 37.02 3.51
N SER A 509 11.52 37.56 2.29
CA SER A 509 12.84 37.60 1.65
C SER A 509 13.22 38.87 0.90
N SER A 510 12.29 39.78 0.59
CA SER A 510 12.75 41.01 -0.05
C SER A 510 12.04 42.29 0.36
N GLN A 511 10.89 42.23 1.02
CA GLN A 511 10.17 43.47 1.33
C GLN A 511 9.23 43.26 2.50
N VAL A 512 8.98 44.33 3.24
CA VAL A 512 8.20 44.31 4.47
C VAL A 512 6.85 44.96 4.21
N VAL A 513 5.81 44.36 4.76
CA VAL A 513 4.46 44.91 4.72
C VAL A 513 3.91 44.92 6.14
N VAL A 514 3.56 46.11 6.63
CA VAL A 514 3.15 46.31 8.01
C VAL A 514 1.76 46.94 8.02
N ALA A 515 0.92 46.46 8.93
CA ALA A 515 -0.50 46.80 8.92
C ALA A 515 -0.89 47.36 10.28
N VAL A 516 -1.14 48.67 10.32
CA VAL A 516 -1.39 49.39 11.56
C VAL A 516 -2.83 49.90 11.60
N GLY A 517 -3.51 49.59 12.70
CA GLY A 517 -4.89 50.03 12.90
C GLY A 517 -5.82 49.54 11.81
N ARG A 518 -6.42 50.47 11.08
CA ARG A 518 -7.26 50.13 9.93
C ARG A 518 -6.51 50.30 8.61
N ALA A 519 -5.34 50.91 8.64
CA ALA A 519 -4.51 51.19 7.48
C ALA A 519 -3.30 50.26 7.46
N LEU A 520 -2.42 50.47 6.50
CA LEU A 520 -1.28 49.58 6.32
C LEU A 520 -0.14 50.37 5.68
N TYR A 521 0.97 50.53 6.40
CA TYR A 521 2.15 51.18 5.85
C TYR A 521 2.91 50.23 4.92
N TYR A 522 3.63 50.81 3.96
CA TYR A 522 4.45 49.99 3.06
C TYR A 522 5.77 50.66 2.70
N LEU A 523 6.80 49.82 2.61
CA LEU A 523 8.08 50.13 2.01
C LEU A 523 8.80 48.82 1.75
N GLN A 524 9.34 48.66 0.55
CA GLN A 524 10.22 47.52 0.31
C GLN A 524 11.63 47.89 0.76
N ILE A 525 12.33 46.93 1.37
CA ILE A 525 13.52 47.24 2.16
C ILE A 525 14.65 47.66 1.21
N HIS A 526 14.88 48.96 1.11
CA HIS A 526 15.89 49.57 0.25
C HIS A 526 17.27 49.48 0.92
N PRO A 527 18.36 49.43 0.14
CA PRO A 527 19.71 49.51 0.73
C PRO A 527 19.91 50.73 1.63
N GLN A 528 20.08 50.51 2.93
CA GLN A 528 20.57 51.44 3.94
C GLN A 528 19.57 52.56 4.29
N GLU A 529 18.44 52.67 3.60
CA GLU A 529 17.48 53.73 3.87
C GLU A 529 16.10 53.26 3.43
N LEU A 530 15.06 53.95 3.88
CA LEU A 530 13.69 53.53 3.64
C LEU A 530 12.79 54.73 3.41
N ARG A 531 11.87 54.61 2.43
CA ARG A 531 10.79 55.57 2.27
C ARG A 531 9.46 54.85 2.03
N GLN A 532 8.39 55.44 2.55
CA GLN A 532 7.03 54.99 2.28
C GLN A 532 6.75 55.03 0.78
N ILE A 533 6.08 53.99 0.28
CA ILE A 533 5.67 53.95 -1.12
C ILE A 533 4.16 53.81 -1.25
N SER A 534 3.58 52.87 -0.53
CA SER A 534 2.18 52.50 -0.75
C SER A 534 1.42 52.59 0.57
N HIS A 535 0.11 52.85 0.45
CA HIS A 535 -0.75 53.02 1.62
C HIS A 535 -2.21 52.94 1.19
N THR A 536 -3.00 52.15 1.91
CA THR A 536 -4.43 52.08 1.66
C THR A 536 -5.12 51.48 2.89
N GLU A 537 -6.03 52.26 3.48
CA GLU A 537 -6.84 51.78 4.59
C GLU A 537 -7.84 50.74 4.09
N MET A 538 -8.00 49.69 4.88
CA MET A 538 -8.95 48.63 4.57
C MET A 538 -10.31 48.98 5.18
N GLU A 539 -11.38 48.57 4.50
CA GLU A 539 -12.72 48.90 4.95
C GLU A 539 -12.98 48.34 6.35
N HIS A 540 -12.57 47.11 6.58
CA HIS A 540 -12.67 46.47 7.89
C HIS A 540 -11.26 46.10 8.35
N GLU A 541 -11.15 45.61 9.58
CA GLU A 541 -9.84 45.37 10.18
C GLU A 541 -9.03 44.35 9.39
N VAL A 542 -7.70 44.44 9.52
CA VAL A 542 -6.80 43.47 8.90
C VAL A 542 -6.28 42.51 9.97
N ALA A 543 -6.25 41.21 9.64
CA ALA A 543 -5.78 40.21 10.58
C ALA A 543 -4.40 39.65 10.21
N CYS A 544 -4.20 39.30 8.94
CA CYS A 544 -2.95 38.66 8.55
C CYS A 544 -2.57 39.08 7.14
N LEU A 545 -1.31 38.84 6.80
CA LEU A 545 -0.72 39.26 5.53
C LEU A 545 0.17 38.13 4.99
N ASP A 546 0.56 38.25 3.72
CA ASP A 546 1.50 37.30 3.13
C ASP A 546 2.16 37.94 1.92
N ILE A 547 3.48 38.00 1.97
CA ILE A 547 4.32 38.52 0.89
C ILE A 547 5.48 37.57 0.67
N THR A 548 5.64 37.10 -0.58
CA THR A 548 6.58 36.04 -0.91
C THR A 548 6.91 36.12 -2.40
N PRO A 549 8.10 35.72 -2.83
CA PRO A 549 8.34 35.55 -4.28
C PRO A 549 7.66 34.28 -4.79
N LEU A 550 6.86 34.44 -5.85
CA LEU A 550 6.05 33.35 -6.39
C LEU A 550 6.66 32.73 -7.64
N GLY A 551 7.77 33.25 -8.13
CA GLY A 551 8.29 32.80 -9.40
C GLY A 551 9.36 33.71 -9.99
N ASP A 552 9.15 34.12 -11.24
CA ASP A 552 10.13 34.95 -11.94
C ASP A 552 10.19 36.37 -11.38
N SER A 553 10.58 36.48 -10.11
CA SER A 553 10.71 37.77 -9.45
C SER A 553 11.57 37.55 -8.20
N ASN A 554 12.61 38.36 -8.05
CA ASN A 554 13.56 38.17 -6.95
C ASN A 554 13.00 38.79 -5.68
N GLY A 555 11.87 38.23 -5.23
CA GLY A 555 11.26 38.63 -3.98
C GLY A 555 10.04 39.51 -4.11
N LEU A 556 10.05 40.41 -5.08
CA LEU A 556 8.94 41.34 -5.26
C LEU A 556 7.70 40.58 -5.70
N SER A 557 6.64 40.64 -4.90
CA SER A 557 5.40 39.94 -5.18
C SER A 557 4.39 40.90 -5.80
N PRO A 558 3.88 40.63 -6.99
CA PRO A 558 2.85 41.51 -7.57
C PRO A 558 1.60 41.61 -6.72
N LEU A 559 1.25 40.57 -5.97
CA LEU A 559 0.00 40.51 -5.22
C LEU A 559 0.26 40.53 -3.71
N CYS A 560 -0.82 40.74 -2.97
CA CYS A 560 -0.79 40.73 -1.51
C CYS A 560 -2.09 40.09 -1.02
N ALA A 561 -1.99 39.41 0.12
CA ALA A 561 -3.13 38.74 0.73
C ALA A 561 -3.40 39.35 2.10
N ILE A 562 -4.68 39.43 2.46
CA ILE A 562 -5.12 40.06 3.69
C ILE A 562 -6.10 39.14 4.40
N GLY A 563 -5.89 38.95 5.70
CA GLY A 563 -6.79 38.17 6.52
C GLY A 563 -7.65 39.06 7.39
N LEU A 564 -8.69 38.47 7.98
CA LEU A 564 -9.69 39.25 8.71
C LEU A 564 -10.06 38.50 10.00
N TRP A 565 -10.33 39.27 11.05
CA TRP A 565 -10.58 38.70 12.38
C TRP A 565 -11.97 38.07 12.46
N THR A 566 -13.01 38.89 12.33
CA THR A 566 -14.35 38.49 12.74
C THR A 566 -14.98 37.50 11.75
N ASP A 567 -15.26 37.97 10.53
CA ASP A 567 -15.86 37.11 9.50
C ASP A 567 -14.84 36.84 8.41
N ILE A 568 -14.34 35.60 8.39
CA ILE A 568 -13.10 35.26 7.69
C ILE A 568 -13.30 35.38 6.19
N SER A 569 -12.38 36.09 5.53
CA SER A 569 -12.42 36.24 4.08
C SER A 569 -11.02 36.54 3.58
N ALA A 570 -10.75 36.17 2.33
CA ALA A 570 -9.49 36.49 1.66
C ALA A 570 -9.73 37.60 0.66
N ARG A 571 -8.74 38.48 0.50
CA ARG A 571 -8.81 39.58 -0.46
C ARG A 571 -7.55 39.59 -1.31
N ILE A 572 -7.69 39.23 -2.58
CA ILE A 572 -6.59 39.30 -3.54
C ILE A 572 -6.37 40.77 -3.87
N LEU A 573 -5.13 41.23 -3.72
CA LEU A 573 -4.85 42.66 -3.72
C LEU A 573 -3.41 42.90 -4.16
N LYS A 574 -3.21 43.95 -4.96
CA LYS A 574 -1.88 44.24 -5.50
C LYS A 574 -1.00 44.88 -4.44
N LEU A 575 0.25 44.42 -4.38
CA LEU A 575 1.24 45.08 -3.52
C LEU A 575 1.54 46.51 -3.94
N PRO A 576 1.86 46.82 -5.22
CA PRO A 576 2.42 48.16 -5.51
C PRO A 576 1.49 49.33 -5.18
N SER A 577 0.20 49.22 -5.46
CA SER A 577 -0.72 50.34 -5.26
C SER A 577 -1.92 49.97 -4.41
N PHE A 578 -1.97 48.73 -3.91
CA PHE A 578 -2.97 48.30 -2.93
C PHE A 578 -4.40 48.48 -3.44
N GLU A 579 -4.60 48.18 -4.72
CA GLU A 579 -5.94 48.31 -5.32
C GLU A 579 -6.71 47.01 -5.15
N LEU A 580 -8.04 47.14 -5.06
CA LEU A 580 -8.90 45.97 -4.87
C LEU A 580 -9.02 45.20 -6.18
N LEU A 581 -9.02 43.87 -6.08
CA LEU A 581 -9.19 42.99 -7.23
C LEU A 581 -10.47 42.16 -7.14
N HIS A 582 -10.67 41.46 -6.02
CA HIS A 582 -11.75 40.49 -5.89
C HIS A 582 -12.12 40.40 -4.42
N LYS A 583 -13.34 39.94 -4.16
CA LYS A 583 -13.80 39.70 -2.80
C LYS A 583 -14.34 38.28 -2.74
N GLU A 584 -13.84 37.53 -1.76
CA GLU A 584 -14.19 36.12 -1.61
C GLU A 584 -14.34 35.80 -0.13
N MET A 585 -15.51 35.27 0.23
CA MET A 585 -15.87 35.03 1.62
C MET A 585 -15.60 33.59 2.00
N LEU A 586 -15.26 33.39 3.27
CA LEU A 586 -14.95 32.07 3.79
C LEU A 586 -15.84 31.81 5.00
N GLY A 587 -15.99 30.54 5.39
CA GLY A 587 -16.93 30.15 6.41
C GLY A 587 -16.39 30.30 7.83
N GLY A 588 -17.30 30.19 8.78
CA GLY A 588 -16.95 30.29 10.18
C GLY A 588 -16.79 31.71 10.65
N GLU A 589 -16.60 31.85 11.96
CA GLU A 589 -16.35 33.15 12.57
C GLU A 589 -15.18 33.07 13.55
N ILE A 590 -14.84 31.86 13.96
CA ILE A 590 -13.74 31.66 14.89
C ILE A 590 -12.46 32.27 14.34
N ILE A 591 -11.60 32.73 15.24
CA ILE A 591 -10.47 33.61 14.91
C ILE A 591 -9.36 32.86 14.18
N PRO A 592 -8.90 33.37 13.03
CA PRO A 592 -7.64 32.87 12.46
C PRO A 592 -6.45 33.44 13.19
N ARG A 593 -5.26 32.96 12.83
CA ARG A 593 -4.03 33.52 13.34
C ARG A 593 -2.88 33.53 12.34
N SER A 594 -3.05 32.87 11.18
CA SER A 594 -2.11 33.02 10.07
C SER A 594 -2.75 32.55 8.77
N ILE A 595 -2.22 33.06 7.65
CA ILE A 595 -2.57 32.60 6.31
C ILE A 595 -1.28 32.62 5.49
N LEU A 596 -1.15 31.65 4.58
CA LEU A 596 -0.01 31.65 3.66
C LEU A 596 -0.45 31.29 2.25
N MET A 597 0.19 31.96 1.28
CA MET A 597 0.11 31.59 -0.12
C MET A 597 1.51 31.24 -0.62
N THR A 598 1.66 30.06 -1.21
CA THR A 598 2.97 29.47 -1.50
C THR A 598 2.90 28.65 -2.78
N THR A 599 4.04 28.52 -3.48
CA THR A 599 4.18 27.74 -4.71
C THR A 599 4.73 26.35 -4.37
N PHE A 600 4.13 25.32 -4.95
CA PHE A 600 4.71 23.98 -4.95
C PHE A 600 4.81 23.42 -6.36
N GLU A 601 3.78 23.65 -7.19
CA GLU A 601 3.79 23.25 -8.58
C GLU A 601 3.15 24.37 -9.39
N SER A 602 2.88 24.10 -10.67
CA SER A 602 2.32 25.09 -11.58
C SER A 602 0.98 25.65 -11.09
N SER A 603 0.16 24.85 -10.40
CA SER A 603 -1.06 25.33 -9.80
C SER A 603 -0.72 25.93 -8.43
N HIS A 604 -0.80 27.25 -8.33
CA HIS A 604 -0.48 27.91 -7.08
C HIS A 604 -1.59 27.68 -6.06
N TYR A 605 -1.19 27.61 -4.79
CA TYR A 605 -2.12 27.45 -3.69
C TYR A 605 -1.94 28.56 -2.67
N LEU A 606 -3.04 28.98 -2.06
CA LEU A 606 -3.01 29.79 -0.85
C LEU A 606 -3.72 28.97 0.22
N LEU A 607 -3.05 28.79 1.35
CA LEU A 607 -3.58 27.96 2.44
C LEU A 607 -3.79 28.82 3.67
N CYS A 608 -5.00 28.77 4.22
CA CYS A 608 -5.33 29.46 5.44
C CYS A 608 -5.64 28.44 6.54
N ALA A 609 -5.04 28.66 7.71
CA ALA A 609 -5.20 27.78 8.84
C ALA A 609 -6.02 28.49 9.91
N LEU A 610 -7.19 27.94 10.21
CA LEU A 610 -8.17 28.59 11.06
C LEU A 610 -8.01 28.13 12.51
N GLY A 611 -8.73 28.78 13.41
CA GLY A 611 -8.57 28.61 14.84
C GLY A 611 -9.06 27.32 15.43
N ASP A 612 -10.06 26.67 14.82
CA ASP A 612 -10.53 25.39 15.31
C ASP A 612 -9.59 24.26 14.88
N GLY A 613 -8.62 24.57 14.03
CA GLY A 613 -7.72 23.57 13.50
C GLY A 613 -8.04 23.32 12.04
N ALA A 614 -9.26 23.66 11.68
CA ALA A 614 -9.76 23.51 10.32
C ALA A 614 -8.87 24.27 9.34
N LEU A 615 -8.50 23.60 8.25
CA LEU A 615 -7.62 24.17 7.24
C LEU A 615 -8.46 24.34 5.96
N PHE A 616 -8.54 25.57 5.47
CA PHE A 616 -9.39 25.90 4.34
C PHE A 616 -8.53 26.36 3.16
N TYR A 617 -9.14 26.40 1.96
CA TYR A 617 -8.42 26.68 0.73
C TYR A 617 -9.21 27.58 -0.21
N PHE A 618 -8.55 28.63 -0.71
CA PHE A 618 -8.95 29.39 -1.88
C PHE A 618 -7.87 29.31 -2.95
N GLY A 619 -8.25 29.68 -4.16
CA GLY A 619 -7.35 29.65 -5.30
C GLY A 619 -6.79 31.01 -5.68
N LEU A 620 -5.52 31.02 -6.06
CA LEU A 620 -4.82 32.24 -6.48
C LEU A 620 -3.97 31.95 -7.70
N ASN A 621 -3.98 32.87 -8.66
CA ASN A 621 -3.05 32.88 -9.79
C ASN A 621 -2.49 34.29 -9.89
N ILE A 622 -1.23 34.40 -10.33
CA ILE A 622 -0.54 35.68 -10.42
C ILE A 622 -1.26 36.60 -11.41
N GLU A 623 -1.68 36.06 -12.54
CA GLU A 623 -2.31 36.87 -13.58
C GLU A 623 -3.66 37.41 -13.12
N THR A 624 -4.60 36.51 -12.84
CA THR A 624 -5.94 36.91 -12.43
C THR A 624 -6.27 36.48 -11.00
N GLY A 625 -6.21 35.19 -10.71
CA GLY A 625 -6.49 34.71 -9.37
C GLY A 625 -7.91 34.23 -9.15
N LEU A 626 -8.43 33.43 -10.09
CA LEU A 626 -9.78 32.90 -9.93
C LEU A 626 -9.80 31.81 -8.86
N LEU A 627 -11.02 31.52 -8.37
CA LEU A 627 -11.17 30.59 -7.25
C LEU A 627 -11.14 29.15 -7.76
N SER A 628 -10.20 28.37 -7.22
CA SER A 628 -10.11 26.94 -7.51
C SER A 628 -10.91 26.18 -6.45
N ASP A 629 -10.67 24.86 -6.33
CA ASP A 629 -11.47 23.97 -5.50
C ASP A 629 -11.56 24.43 -4.04
N ARG A 630 -12.51 23.84 -3.33
CA ARG A 630 -12.98 24.27 -2.02
C ARG A 630 -13.62 23.10 -1.30
N LYS A 631 -13.26 22.90 -0.03
CA LYS A 631 -13.83 21.80 0.76
C LYS A 631 -13.75 22.04 2.27
N LYS A 632 -14.83 21.72 2.97
CA LYS A 632 -14.90 21.88 4.42
C LYS A 632 -14.17 20.72 5.11
N VAL A 633 -13.15 21.06 5.89
CA VAL A 633 -12.37 20.06 6.63
C VAL A 633 -12.08 20.64 8.00
N THR A 634 -11.92 19.77 8.99
CA THR A 634 -11.59 20.17 10.36
C THR A 634 -10.35 19.41 10.85
N LEU A 635 -9.76 19.90 11.94
CA LEU A 635 -8.59 19.27 12.56
C LEU A 635 -8.58 19.46 14.08
N GLY A 636 -7.42 19.25 14.69
CA GLY A 636 -7.27 19.35 16.13
C GLY A 636 -7.68 20.70 16.68
N THR A 637 -8.13 20.68 17.94
CA THR A 637 -8.88 21.80 18.50
C THR A 637 -8.04 23.08 18.61
N GLN A 638 -6.78 22.95 19.02
CA GLN A 638 -5.97 24.14 19.26
C GLN A 638 -5.72 24.93 17.97
N PRO A 639 -5.70 26.26 18.05
CA PRO A 639 -5.53 27.09 16.85
C PRO A 639 -4.18 26.86 16.18
N THR A 640 -4.18 27.13 14.87
CA THR A 640 -3.13 26.68 13.96
C THR A 640 -2.46 27.83 13.23
N VAL A 641 -1.13 27.77 13.18
CA VAL A 641 -0.31 28.59 12.27
C VAL A 641 0.39 27.68 11.29
N LEU A 642 0.40 28.09 10.02
CA LEU A 642 1.22 27.46 9.00
C LEU A 642 2.34 28.43 8.63
N ARG A 643 3.58 27.95 8.70
CA ARG A 643 4.72 28.63 8.10
C ARG A 643 5.69 27.58 7.57
N THR A 644 6.48 27.98 6.59
CA THR A 644 7.07 27.05 5.64
C THR A 644 8.48 26.66 6.05
N PHE A 645 8.83 25.41 5.76
CA PHE A 645 10.18 24.87 5.92
C PHE A 645 10.79 24.65 4.54
N ARG A 646 12.08 24.32 4.52
CA ARG A 646 12.80 24.00 3.29
C ARG A 646 13.17 22.53 3.32
N SER A 647 12.69 21.77 2.34
CA SER A 647 13.01 20.35 2.24
C SER A 647 13.63 20.00 0.89
N LEU A 648 12.97 20.41 -0.20
CA LEU A 648 13.37 19.98 -1.53
C LEU A 648 13.34 21.19 -2.47
N SER A 649 13.49 20.90 -3.77
CA SER A 649 13.26 21.91 -4.79
C SER A 649 11.80 22.32 -4.86
N THR A 650 10.86 21.40 -4.61
CA THR A 650 9.44 21.69 -4.50
C THR A 650 9.00 21.71 -3.04
N THR A 651 9.84 22.28 -2.17
CA THR A 651 9.65 22.20 -0.73
C THR A 651 8.28 22.71 -0.31
N ASN A 652 7.86 22.31 0.89
CA ASN A 652 6.47 22.48 1.28
C ASN A 652 6.36 23.11 2.67
N VAL A 653 5.14 23.33 3.14
CA VAL A 653 4.86 24.08 4.36
C VAL A 653 4.54 23.10 5.49
N PHE A 654 4.80 23.54 6.71
CA PHE A 654 4.50 22.79 7.92
C PHE A 654 3.38 23.52 8.65
N ALA A 655 2.98 23.04 9.82
CA ALA A 655 1.87 23.63 10.57
C ALA A 655 2.02 23.35 12.06
N CYS A 656 1.30 24.12 12.87
CA CYS A 656 1.20 23.87 14.29
C CYS A 656 -0.25 23.62 14.66
N SER A 657 -0.50 22.53 15.37
CA SER A 657 -1.86 22.16 15.76
C SER A 657 -1.84 21.38 17.06
N ASP A 658 -2.91 20.62 17.33
CA ASP A 658 -2.88 19.66 18.42
C ASP A 658 -1.66 18.77 18.35
N ARG A 659 -1.31 18.32 17.14
CA ARG A 659 -0.19 17.42 16.95
C ARG A 659 0.38 17.72 15.56
N PRO A 660 1.70 17.85 15.41
CA PRO A 660 2.25 18.29 14.13
C PRO A 660 1.94 17.32 13.00
N THR A 661 1.44 17.86 11.90
CA THR A 661 1.13 17.08 10.70
C THR A 661 1.58 17.86 9.47
N VAL A 662 2.57 17.34 8.78
CA VAL A 662 3.11 18.02 7.61
C VAL A 662 2.31 17.65 6.37
N ILE A 663 1.81 18.67 5.68
CA ILE A 663 1.03 18.50 4.46
C ILE A 663 2.03 18.25 3.34
N TYR A 664 1.69 17.36 2.41
CA TYR A 664 2.54 17.11 1.25
C TYR A 664 1.71 16.93 -0.01
N SER A 665 2.24 17.49 -1.10
CA SER A 665 1.66 17.29 -2.42
C SER A 665 2.50 16.28 -3.20
N SER A 666 1.86 15.19 -3.64
CA SER A 666 2.54 14.16 -4.40
C SER A 666 2.48 14.43 -5.89
N ASN A 667 1.28 14.48 -6.47
CA ASN A 667 1.13 14.89 -7.86
C ASN A 667 0.34 16.19 -7.97
N HIS A 668 -0.90 16.23 -7.45
CA HIS A 668 -1.65 17.47 -7.38
C HIS A 668 -2.46 17.61 -6.11
N LYS A 669 -2.53 16.59 -5.27
CA LYS A 669 -3.39 16.57 -4.09
C LYS A 669 -2.54 16.70 -2.83
N LEU A 670 -3.16 17.25 -1.78
CA LEU A 670 -2.51 17.50 -0.51
C LEU A 670 -2.60 16.27 0.37
N VAL A 671 -1.46 15.70 0.74
CA VAL A 671 -1.42 14.54 1.62
C VAL A 671 -1.26 15.00 3.05
N PHE A 672 -1.99 14.37 3.97
CA PHE A 672 -2.15 14.85 5.33
C PHE A 672 -1.27 14.08 6.30
N SER A 673 -0.04 13.74 5.88
CA SER A 673 0.82 12.90 6.69
C SER A 673 1.21 13.60 7.99
N ASN A 674 1.10 12.86 9.09
CA ASN A 674 1.47 13.40 10.40
C ASN A 674 2.93 13.11 10.76
N VAL A 675 3.34 13.54 11.95
CA VAL A 675 4.68 13.26 12.46
C VAL A 675 4.57 13.08 13.97
N ASN A 676 5.54 12.36 14.53
CA ASN A 676 5.49 11.94 15.93
C ASN A 676 6.06 13.00 16.89
N LEU A 677 5.28 14.03 17.19
CA LEU A 677 5.68 15.01 18.19
C LEU A 677 4.43 15.49 18.91
N LYS A 678 4.61 15.95 20.16
CA LYS A 678 3.46 16.19 21.02
C LYS A 678 2.70 17.47 20.64
N GLU A 679 3.31 18.64 20.83
CA GLU A 679 2.70 19.89 20.37
C GLU A 679 3.79 20.85 19.91
N VAL A 680 3.39 21.83 19.09
CA VAL A 680 4.30 22.82 18.54
C VAL A 680 3.60 24.18 18.50
N ASN A 681 4.38 25.25 18.48
CA ASN A 681 3.86 26.60 18.27
C ASN A 681 4.38 27.28 17.01
N TYR A 682 5.70 27.44 16.86
CA TYR A 682 6.26 28.25 15.79
C TYR A 682 7.58 27.67 15.30
N MET A 683 8.02 28.13 14.14
CA MET A 683 9.12 27.54 13.39
C MET A 683 10.07 28.59 12.84
N CYS A 684 11.19 28.10 12.29
CA CYS A 684 12.06 28.80 11.34
C CYS A 684 13.15 27.83 10.90
N PRO A 685 13.78 28.05 9.75
CA PRO A 685 14.83 27.13 9.30
C PRO A 685 16.18 27.44 9.96
N LEU A 686 16.95 26.37 10.20
CA LEU A 686 18.37 26.45 10.50
C LEU A 686 19.11 25.53 9.55
N ASN A 687 20.16 26.04 8.91
CA ASN A 687 20.93 25.25 7.95
C ASN A 687 22.41 25.16 8.30
N SER A 688 22.74 25.03 9.59
CA SER A 688 24.13 25.10 10.02
C SER A 688 24.97 23.99 9.38
N ASP A 689 26.30 24.14 9.49
CA ASP A 689 27.20 23.16 8.90
C ASP A 689 27.08 21.80 9.58
N GLY A 690 27.09 21.78 10.91
CA GLY A 690 26.84 20.56 11.64
C GLY A 690 25.38 20.16 11.74
N TYR A 691 24.48 21.09 11.46
CA TYR A 691 23.04 20.84 11.44
C TYR A 691 22.56 21.07 10.01
N PRO A 692 22.89 20.16 9.09
CA PRO A 692 22.71 20.45 7.66
C PRO A 692 21.28 20.73 7.24
N ASP A 693 20.32 19.97 7.73
CA ASP A 693 18.94 20.04 7.28
C ASP A 693 17.98 20.04 8.47
N SER A 694 18.29 20.85 9.48
CA SER A 694 17.50 20.90 10.69
C SER A 694 16.50 22.07 10.62
N LEU A 695 15.62 22.15 11.61
CA LEU A 695 14.63 23.21 11.69
C LEU A 695 14.48 23.67 13.13
N ALA A 696 14.53 24.99 13.36
CA ALA A 696 14.32 25.53 14.69
C ALA A 696 12.82 25.69 14.94
N LEU A 697 12.35 25.18 16.08
CA LEU A 697 10.94 25.04 16.33
C LEU A 697 10.62 25.35 17.78
N ALA A 698 9.49 26.04 18.00
CA ALA A 698 9.01 26.40 19.32
C ALA A 698 7.84 25.53 19.74
N ASN A 699 7.75 25.29 21.05
CA ASN A 699 6.67 24.50 21.64
C ASN A 699 6.14 25.24 22.86
N ASN A 700 5.07 24.71 23.47
CA ASN A 700 4.49 25.33 24.65
C ASN A 700 5.50 25.41 25.79
N SER A 701 6.18 24.30 26.09
CA SER A 701 7.42 24.35 26.86
C SER A 701 8.28 23.18 26.38
N THR A 702 9.05 23.41 25.32
CA THR A 702 9.97 22.46 24.70
C THR A 702 10.59 23.16 23.50
N LEU A 703 11.79 22.72 23.13
CA LEU A 703 12.40 23.08 21.85
C LEU A 703 12.84 21.80 21.17
N THR A 704 12.41 21.60 19.92
CA THR A 704 12.65 20.37 19.18
C THR A 704 13.33 20.69 17.86
N ILE A 705 14.40 19.95 17.56
CA ILE A 705 15.08 20.00 16.26
C ILE A 705 15.38 18.57 15.83
N GLY A 706 15.53 18.37 14.53
CA GLY A 706 15.79 17.03 14.04
C GLY A 706 16.00 17.02 12.54
N THR A 707 15.85 15.81 11.97
CA THR A 707 16.03 15.56 10.54
C THR A 707 14.74 15.03 9.94
N ILE A 708 14.58 15.24 8.63
CA ILE A 708 13.33 14.91 7.95
C ILE A 708 13.52 13.70 7.05
N ASP A 709 12.65 12.71 7.24
CA ASP A 709 12.58 11.49 6.44
C ASP A 709 11.53 11.69 5.34
N GLU A 710 10.99 10.58 4.83
CA GLU A 710 10.02 10.54 3.75
C GLU A 710 8.76 11.35 3.99
N ILE A 711 7.85 11.38 3.00
CA ILE A 711 6.79 12.37 2.94
C ILE A 711 5.39 11.75 3.02
N GLN A 712 5.18 10.59 2.38
CA GLN A 712 3.82 10.05 2.40
C GLN A 712 3.51 9.37 3.73
N LYS A 713 2.25 8.97 3.88
CA LYS A 713 1.70 8.68 5.21
C LYS A 713 2.41 7.51 5.88
N LEU A 714 2.79 6.50 5.10
CA LEU A 714 3.38 5.29 5.65
C LEU A 714 4.88 5.25 5.37
N HIS A 715 5.66 5.10 6.42
CA HIS A 715 7.11 4.90 6.31
C HIS A 715 7.39 3.41 6.20
N ILE A 716 7.97 3.01 5.09
CA ILE A 716 8.51 1.67 4.91
C ILE A 716 10.01 1.79 4.75
N ARG A 717 10.74 1.01 5.54
CA ARG A 717 12.19 0.92 5.39
C ARG A 717 12.54 -0.52 5.08
N THR A 718 12.85 -0.77 3.82
CA THR A 718 13.15 -2.11 3.34
C THR A 718 14.50 -2.54 3.89
N VAL A 719 14.50 -3.69 4.54
CA VAL A 719 15.73 -4.30 5.02
C VAL A 719 15.94 -5.55 4.19
N PRO A 720 16.78 -5.53 3.17
CA PRO A 720 17.03 -6.75 2.40
C PRO A 720 17.66 -7.83 3.25
N LEU A 721 17.14 -9.05 3.12
CA LEU A 721 17.76 -10.21 3.71
C LEU A 721 18.10 -11.30 2.71
N TYR A 722 17.55 -11.26 1.50
CA TYR A 722 17.54 -12.40 0.60
C TYR A 722 16.90 -13.61 1.25
N GLU A 723 15.98 -13.37 2.17
CA GLU A 723 15.41 -14.40 3.01
C GLU A 723 13.90 -14.42 2.84
N SER A 724 13.36 -15.63 2.80
CA SER A 724 11.92 -15.83 2.77
C SER A 724 11.39 -15.87 4.19
N PRO A 725 10.83 -14.77 4.70
CA PRO A 725 10.45 -14.73 6.11
C PRO A 725 9.09 -15.37 6.34
N ARG A 726 8.95 -16.01 7.49
CA ARG A 726 7.70 -16.69 7.77
C ARG A 726 6.95 -16.10 8.96
N LYS A 727 7.56 -16.09 10.15
CA LYS A 727 6.92 -15.51 11.33
C LYS A 727 7.95 -14.75 12.14
N ILE A 728 7.46 -13.90 13.03
CA ILE A 728 8.28 -12.95 13.75
C ILE A 728 7.75 -12.77 15.17
N CYS A 729 8.66 -12.59 16.11
CA CYS A 729 8.31 -12.41 17.51
C CYS A 729 9.27 -11.41 18.14
N TYR A 730 8.86 -10.86 19.29
CA TYR A 730 9.64 -9.90 20.04
C TYR A 730 9.98 -10.50 21.39
N GLN A 731 11.15 -10.14 21.93
CA GLN A 731 11.55 -10.50 23.29
C GLN A 731 12.33 -9.32 23.83
N GLU A 732 11.65 -8.45 24.58
CA GLU A 732 12.15 -7.10 24.79
C GLU A 732 13.40 -7.07 25.67
N VAL A 733 13.44 -7.91 26.71
CA VAL A 733 14.58 -7.91 27.61
C VAL A 733 15.84 -8.38 26.90
N SER A 734 15.70 -9.12 25.81
CA SER A 734 16.85 -9.56 25.03
C SER A 734 17.28 -8.56 23.98
N GLN A 735 16.54 -7.47 23.80
CA GLN A 735 16.96 -6.35 22.97
C GLN A 735 17.18 -6.80 21.52
N CYS A 736 16.19 -7.52 20.99
CA CYS A 736 16.32 -8.09 19.65
C CYS A 736 14.97 -8.58 19.15
N PHE A 737 15.03 -9.25 18.00
CA PHE A 737 13.88 -9.91 17.36
C PHE A 737 14.21 -11.37 17.08
N GLY A 738 13.17 -12.17 16.97
CA GLY A 738 13.27 -13.53 16.45
C GLY A 738 12.48 -13.64 15.15
N VAL A 739 13.13 -14.17 14.12
CA VAL A 739 12.55 -14.24 12.78
C VAL A 739 12.87 -15.60 12.17
N LEU A 740 11.87 -16.20 11.54
CA LEU A 740 12.08 -17.43 10.78
C LEU A 740 12.30 -17.09 9.30
N SER A 741 13.11 -17.92 8.65
CA SER A 741 13.41 -17.76 7.22
C SER A 741 13.90 -19.09 6.68
N SER A 742 13.94 -19.22 5.36
CA SER A 742 14.15 -20.52 4.74
C SER A 742 14.66 -20.37 3.32
N ARG A 743 15.61 -21.24 2.95
CA ARG A 743 16.52 -21.05 1.82
C ARG A 743 16.37 -22.10 0.73
N ILE A 744 16.63 -21.62 -0.48
CA ILE A 744 16.50 -22.36 -1.72
C ILE A 744 17.84 -22.99 -2.03
N GLU A 745 17.83 -24.30 -2.26
CA GLU A 745 19.08 -25.05 -2.33
C GLU A 745 18.91 -26.27 -3.22
N VAL A 746 19.87 -26.48 -4.12
CA VAL A 746 19.82 -27.60 -5.06
C VAL A 746 20.88 -28.62 -4.69
N GLN A 747 20.49 -29.90 -4.69
CA GLN A 747 21.42 -30.99 -4.48
C GLN A 747 22.39 -31.10 -5.65
N ASP A 748 23.65 -31.41 -5.34
CA ASP A 748 24.69 -31.57 -6.34
C ASP A 748 24.94 -33.05 -6.62
N THR A 749 25.75 -33.32 -7.64
CA THR A 749 26.04 -34.70 -8.03
C THR A 749 26.84 -35.42 -6.94
N SER A 750 27.54 -34.67 -6.09
CA SER A 750 28.38 -35.25 -5.04
C SER A 750 27.58 -35.72 -3.84
N GLY A 751 26.25 -35.68 -3.90
CA GLY A 751 25.43 -36.05 -2.76
C GLY A 751 25.11 -34.86 -1.89
N GLY A 752 26.13 -34.17 -1.41
CA GLY A 752 25.93 -32.95 -0.66
C GLY A 752 25.59 -31.78 -1.55
N THR A 753 25.04 -30.74 -0.92
CA THR A 753 24.66 -29.50 -1.61
C THR A 753 25.43 -28.33 -1.01
N THR A 754 25.91 -27.44 -1.88
CA THR A 754 26.78 -26.34 -1.43
C THR A 754 26.02 -25.02 -1.21
N ALA A 755 25.49 -24.43 -2.28
CA ALA A 755 24.87 -23.11 -2.22
C ALA A 755 24.40 -22.72 -3.62
N LEU A 756 23.56 -21.68 -3.67
CA LEU A 756 23.18 -21.00 -4.90
C LEU A 756 23.54 -19.52 -4.89
N ARG A 757 23.21 -18.80 -3.84
CA ARG A 757 23.66 -17.43 -3.66
C ARG A 757 24.14 -17.27 -2.22
N PRO A 758 25.05 -16.33 -1.97
CA PRO A 758 25.33 -15.96 -0.58
C PRO A 758 24.10 -15.36 0.08
N SER A 759 23.84 -15.79 1.31
CA SER A 759 22.63 -15.40 2.02
C SER A 759 22.97 -15.15 3.49
N ALA A 760 22.17 -14.31 4.14
CA ALA A 760 22.34 -14.07 5.57
C ALA A 760 22.09 -15.33 6.37
N SER A 761 21.39 -16.30 5.79
CA SER A 761 21.18 -17.61 6.41
C SER A 761 22.48 -18.36 6.65
N THR A 762 23.53 -18.08 5.88
CA THR A 762 24.83 -18.73 6.04
C THR A 762 25.96 -17.74 6.26
N GLN A 763 25.70 -16.44 6.01
CA GLN A 763 26.68 -15.39 6.21
C GLN A 763 26.62 -14.83 7.64
N ALA A 764 26.14 -15.62 8.59
CA ALA A 764 25.97 -15.16 9.96
C ALA A 764 27.32 -14.83 10.60
N LEU A 765 27.29 -13.85 11.51
CA LEU A 765 28.48 -13.53 12.30
C LEU A 765 28.94 -14.73 13.09
N SER A 766 28.00 -15.42 13.74
CA SER A 766 28.25 -16.71 14.35
C SER A 766 27.06 -17.62 14.05
N SER A 767 27.33 -18.92 13.95
CA SER A 767 26.28 -19.84 13.54
C SER A 767 26.34 -21.10 14.38
N SER A 768 25.22 -21.80 14.43
CA SER A 768 25.10 -23.06 15.15
C SER A 768 24.01 -23.88 14.47
N VAL A 769 24.06 -25.19 14.70
CA VAL A 769 23.23 -26.16 13.97
C VAL A 769 22.52 -27.05 14.98
N SER A 770 21.24 -27.31 14.73
CA SER A 770 20.48 -28.21 15.58
C SER A 770 21.11 -29.60 15.60
N SER A 771 21.15 -30.20 16.78
CA SER A 771 21.88 -31.43 17.02
C SER A 771 21.00 -32.46 17.72
N SER A 772 19.80 -32.68 17.21
CA SER A 772 18.89 -33.64 17.80
C SER A 772 19.46 -35.06 17.72
N LYS A 773 19.06 -35.90 18.67
CA LYS A 773 19.43 -37.31 18.68
C LYS A 773 18.22 -38.22 18.82
N LEU A 774 17.12 -37.92 18.12
CA LEU A 774 15.93 -38.73 18.22
C LEU A 774 15.22 -38.98 16.88
N PHE A 775 15.78 -38.52 15.77
CA PHE A 775 15.26 -38.83 14.45
C PHE A 775 16.21 -39.82 13.78
N SER A 776 15.66 -40.96 13.34
CA SER A 776 16.47 -42.00 12.72
C SER A 776 15.56 -42.87 11.86
N SER A 777 15.81 -42.88 10.55
CA SER A 777 15.03 -43.69 9.63
C SER A 777 15.90 -44.20 8.48
N GLU A 783 13.63 -40.73 -0.94
CA GLU A 783 15.07 -40.49 -0.93
C GLU A 783 15.46 -39.36 -1.88
N THR A 784 16.43 -38.56 -1.45
CA THR A 784 16.93 -37.45 -2.26
C THR A 784 17.65 -37.98 -3.49
N SER A 785 17.49 -37.29 -4.61
CA SER A 785 18.11 -37.70 -5.87
C SER A 785 19.46 -37.00 -6.02
N PHE A 786 20.03 -37.05 -7.22
CA PHE A 786 21.30 -36.38 -7.48
C PHE A 786 21.12 -34.89 -7.76
N GLY A 787 20.16 -34.51 -8.60
CA GLY A 787 19.88 -33.11 -8.84
C GLY A 787 18.42 -32.76 -8.59
N GLU A 788 18.16 -32.02 -7.51
CA GLU A 788 16.81 -31.60 -7.20
C GLU A 788 16.86 -30.45 -6.19
N GLU A 789 15.70 -29.92 -5.84
CA GLU A 789 15.59 -28.79 -4.93
C GLU A 789 15.31 -29.25 -3.51
N VAL A 790 16.00 -28.63 -2.55
CA VAL A 790 15.77 -28.86 -1.13
C VAL A 790 15.63 -27.52 -0.45
N GLU A 791 15.14 -27.55 0.79
CA GLU A 791 14.78 -26.36 1.53
C GLU A 791 15.35 -26.44 2.94
N VAL A 792 16.07 -25.40 3.36
CA VAL A 792 16.69 -25.35 4.68
C VAL A 792 16.17 -24.14 5.44
N HIS A 793 15.96 -24.31 6.74
CA HIS A 793 15.18 -23.39 7.56
C HIS A 793 16.09 -22.74 8.59
N ASN A 794 15.83 -21.47 8.93
CA ASN A 794 16.77 -20.71 9.75
C ASN A 794 16.06 -19.73 10.66
N LEU A 795 16.55 -19.66 11.90
CA LEU A 795 16.13 -18.68 12.89
C LEU A 795 17.11 -17.52 12.86
N LEU A 796 16.57 -16.30 12.81
CA LEU A 796 17.38 -15.10 12.68
C LEU A 796 17.13 -14.18 13.86
N ILE A 797 18.20 -13.88 14.61
CA ILE A 797 18.16 -12.86 15.66
C ILE A 797 18.69 -11.57 15.07
N ILE A 798 17.84 -10.54 15.04
CA ILE A 798 18.17 -9.27 14.39
C ILE A 798 18.25 -8.21 15.47
N ASP A 799 19.32 -7.42 15.45
CA ASP A 799 19.49 -6.34 16.42
C ASP A 799 18.32 -5.37 16.28
N GLN A 800 17.69 -5.06 17.40
CA GLN A 800 16.51 -4.21 17.41
C GLN A 800 16.81 -2.76 17.04
N HIS A 801 18.06 -2.32 17.16
CA HIS A 801 18.43 -0.93 16.88
C HIS A 801 18.99 -0.76 15.46
N THR A 802 20.03 -1.53 15.11
CA THR A 802 20.69 -1.39 13.82
C THR A 802 20.10 -2.31 12.74
N PHE A 803 19.18 -3.19 13.10
CA PHE A 803 18.57 -4.13 12.13
C PHE A 803 19.63 -4.93 11.38
N GLU A 804 20.60 -5.45 12.12
CA GLU A 804 21.60 -6.34 11.55
C GLU A 804 21.51 -7.71 12.21
N VAL A 805 21.83 -8.74 11.44
CA VAL A 805 21.79 -10.11 11.94
C VAL A 805 22.89 -10.27 13.00
N LEU A 806 22.47 -10.37 14.27
CA LEU A 806 23.44 -10.62 15.33
C LEU A 806 23.81 -12.09 15.38
N HIS A 807 22.86 -12.96 15.04
CA HIS A 807 23.07 -14.41 15.14
C HIS A 807 22.08 -15.08 14.22
N ALA A 808 22.39 -16.32 13.84
CA ALA A 808 21.50 -17.14 13.04
C ALA A 808 21.68 -18.59 13.44
N HIS A 809 20.58 -19.27 13.74
CA HIS A 809 20.61 -20.66 14.15
C HIS A 809 20.11 -21.53 13.02
N GLN A 810 20.77 -22.65 12.81
CA GLN A 810 20.40 -23.63 11.79
C GLN A 810 19.52 -24.68 12.45
N PHE A 811 18.25 -24.73 12.04
CA PHE A 811 17.49 -25.93 12.40
C PHE A 811 18.04 -27.13 11.63
N LEU A 812 17.52 -28.31 11.94
CA LEU A 812 17.96 -29.51 11.27
C LEU A 812 17.69 -29.41 9.78
N GLN A 813 18.38 -30.26 9.02
CA GLN A 813 18.10 -30.39 7.61
C GLN A 813 16.62 -30.70 7.40
N ASN A 814 15.94 -29.82 6.66
CA ASN A 814 14.60 -30.03 6.10
C ASN A 814 13.50 -29.84 7.13
N GLU A 815 13.81 -29.57 8.40
CA GLU A 815 12.80 -29.25 9.39
C GLU A 815 12.07 -27.97 8.97
N TYR A 816 10.80 -28.12 8.62
CA TYR A 816 9.95 -27.02 8.17
C TYR A 816 9.35 -26.38 9.41
N ALA A 817 9.89 -25.24 9.82
CA ALA A 817 9.51 -24.62 11.09
C ALA A 817 8.28 -23.76 10.88
N LEU A 818 7.32 -23.88 11.80
CA LEU A 818 6.00 -23.28 11.61
C LEU A 818 5.68 -22.17 12.59
N SER A 819 6.07 -22.28 13.85
CA SER A 819 5.56 -21.39 14.88
C SER A 819 6.67 -20.92 15.81
N LEU A 820 6.45 -19.76 16.42
CA LEU A 820 7.41 -19.11 17.30
C LEU A 820 6.67 -18.32 18.37
N VAL A 821 7.22 -18.32 19.58
CA VAL A 821 6.64 -17.57 20.70
C VAL A 821 7.72 -17.31 21.74
N SER A 822 7.60 -16.18 22.43
CA SER A 822 8.53 -15.82 23.50
C SER A 822 7.71 -15.45 24.73
N CYS A 823 7.98 -16.13 25.85
CA CYS A 823 7.17 -15.96 27.05
C CYS A 823 7.95 -16.46 28.26
N LYS A 824 7.41 -16.17 29.44
CA LYS A 824 7.90 -16.71 30.71
C LYS A 824 6.96 -17.80 31.19
N LEU A 825 7.52 -18.91 31.64
CA LEU A 825 6.74 -20.09 31.96
C LEU A 825 7.00 -20.54 33.39
N GLY A 826 5.97 -21.07 34.03
CA GLY A 826 6.10 -21.59 35.38
C GLY A 826 6.57 -20.52 36.36
N LYS A 827 7.56 -20.88 37.18
CA LYS A 827 8.16 -19.97 38.13
C LYS A 827 9.50 -19.45 37.66
N ASP A 828 9.94 -19.82 36.46
CA ASP A 828 11.21 -19.35 35.93
C ASP A 828 11.14 -17.84 35.69
N PRO A 829 12.18 -17.09 36.05
CA PRO A 829 12.19 -15.65 35.73
C PRO A 829 12.75 -15.33 34.37
N ASN A 830 13.24 -16.32 33.63
CA ASN A 830 13.90 -16.06 32.35
C ASN A 830 12.90 -16.06 31.20
N THR A 831 13.22 -15.29 30.16
CA THR A 831 12.44 -15.23 28.93
C THR A 831 13.12 -16.06 27.87
N TYR A 832 12.32 -16.71 27.02
CA TYR A 832 12.81 -17.76 26.13
C TYR A 832 12.29 -17.54 24.71
N PHE A 833 12.89 -18.27 23.78
CA PHE A 833 12.36 -18.42 22.42
C PHE A 833 11.95 -19.86 22.22
N ILE A 834 10.70 -20.08 21.80
CA ILE A 834 10.12 -21.40 21.68
C ILE A 834 9.65 -21.58 20.24
N VAL A 835 9.96 -22.73 19.65
CA VAL A 835 9.62 -23.03 18.28
C VAL A 835 8.87 -24.36 18.19
N GLY A 836 7.88 -24.41 17.32
CA GLY A 836 7.25 -25.66 16.96
C GLY A 836 7.54 -25.98 15.51
N THR A 837 7.99 -27.20 15.23
CA THR A 837 8.47 -27.55 13.90
C THR A 837 7.73 -28.81 13.42
N ALA A 838 8.07 -29.23 12.20
CA ALA A 838 7.52 -30.44 11.63
C ALA A 838 8.43 -30.90 10.49
N MET A 839 9.05 -32.06 10.68
CA MET A 839 9.87 -32.68 9.65
C MET A 839 8.96 -33.14 8.52
N VAL A 840 8.91 -32.34 7.46
CA VAL A 840 8.04 -32.60 6.32
C VAL A 840 8.78 -33.51 5.36
N TYR A 841 8.05 -34.46 4.77
CA TYR A 841 8.58 -35.39 3.79
C TYR A 841 7.88 -35.16 2.45
N PRO A 842 8.61 -35.31 1.35
CA PRO A 842 7.97 -35.18 0.03
C PRO A 842 6.97 -36.29 -0.25
N GLU A 843 7.25 -37.50 0.24
CA GLU A 843 6.44 -38.65 -0.13
C GLU A 843 5.10 -38.67 0.59
N GLU A 844 5.08 -38.29 1.87
CA GLU A 844 3.87 -38.45 2.64
C GLU A 844 3.04 -37.17 2.61
N ALA A 845 1.87 -37.22 3.27
CA ALA A 845 0.86 -36.19 3.13
C ALA A 845 0.40 -35.55 4.43
N GLU A 846 0.84 -36.05 5.59
CA GLU A 846 0.38 -35.45 6.83
C GLU A 846 1.47 -35.52 7.90
N PRO A 847 1.87 -34.38 8.46
CA PRO A 847 2.99 -34.37 9.41
C PRO A 847 2.74 -35.27 10.61
N LYS A 848 3.67 -36.20 10.85
CA LYS A 848 3.56 -37.15 11.95
C LYS A 848 4.26 -36.71 13.23
N GLN A 849 5.07 -35.66 13.20
CA GLN A 849 5.90 -35.35 14.35
C GLN A 849 6.32 -33.88 14.34
N GLY A 850 6.88 -33.46 15.46
CA GLY A 850 7.42 -32.12 15.60
C GLY A 850 8.16 -32.02 16.92
N ARG A 851 8.97 -30.99 17.04
CA ARG A 851 9.74 -30.75 18.25
C ARG A 851 9.37 -29.40 18.83
N ILE A 852 9.47 -29.29 20.15
CA ILE A 852 9.22 -28.03 20.82
C ILE A 852 10.52 -27.59 21.51
N VAL A 853 11.31 -26.80 20.80
CA VAL A 853 12.66 -26.42 21.23
C VAL A 853 12.58 -25.05 21.90
N VAL A 854 13.22 -24.94 23.06
CA VAL A 854 13.19 -23.72 23.86
C VAL A 854 14.62 -23.19 23.95
N PHE A 855 14.79 -21.91 23.63
CA PHE A 855 16.10 -21.31 23.41
C PHE A 855 16.41 -20.27 24.47
N GLN A 856 17.66 -20.30 24.94
CA GLN A 856 18.24 -19.22 25.75
C GLN A 856 19.23 -18.47 24.86
N TYR A 857 18.98 -17.19 24.65
CA TYR A 857 19.92 -16.33 23.95
C TYR A 857 20.69 -15.51 24.96
N SER A 858 21.97 -15.85 25.15
CA SER A 858 22.79 -15.21 26.17
C SER A 858 23.39 -13.92 25.64
N ASP A 859 24.38 -13.39 26.35
CA ASP A 859 25.04 -12.14 25.97
C ASP A 859 25.32 -12.06 24.47
N GLY A 860 25.96 -13.09 23.92
CA GLY A 860 26.18 -13.14 22.49
C GLY A 860 26.03 -14.53 21.90
N LYS A 861 25.67 -15.50 22.74
CA LYS A 861 25.55 -16.89 22.31
C LYS A 861 24.10 -17.33 22.37
N LEU A 862 23.84 -18.53 21.85
CA LEU A 862 22.50 -19.10 21.78
C LEU A 862 22.55 -20.51 22.34
N GLN A 863 21.83 -20.75 23.43
CA GLN A 863 21.82 -22.03 24.10
C GLN A 863 20.48 -22.73 23.88
N THR A 864 20.48 -24.04 24.10
CA THR A 864 19.31 -24.90 23.92
C THR A 864 19.06 -25.66 25.22
N VAL A 865 17.77 -25.79 25.59
CA VAL A 865 17.40 -26.31 26.90
C VAL A 865 16.71 -27.67 26.81
N ALA A 866 15.56 -27.74 26.15
CA ALA A 866 14.78 -28.98 26.17
C ALA A 866 14.08 -29.17 24.82
N GLU A 867 13.77 -30.43 24.52
CA GLU A 867 13.21 -30.79 23.22
C GLU A 867 11.76 -31.27 23.32
N LYS A 868 11.50 -32.35 24.06
CA LYS A 868 10.14 -32.87 24.29
C LYS A 868 9.37 -33.01 22.97
N GLU A 869 9.83 -33.97 22.17
CA GLU A 869 9.22 -34.28 20.88
C GLU A 869 7.70 -34.29 20.97
N VAL A 870 7.04 -33.77 19.92
CA VAL A 870 5.60 -33.64 19.86
C VAL A 870 5.08 -34.44 18.67
N LYS A 871 3.99 -35.18 18.90
CA LYS A 871 3.50 -36.17 17.94
C LYS A 871 2.62 -35.52 16.89
N GLY A 872 3.20 -34.57 16.17
CA GLY A 872 2.52 -33.94 15.06
C GLY A 872 3.01 -32.53 14.84
N ALA A 873 2.42 -31.88 13.83
CA ALA A 873 2.77 -30.51 13.52
C ALA A 873 2.32 -29.57 14.63
N VAL A 874 2.85 -28.35 14.60
CA VAL A 874 2.53 -27.33 15.60
C VAL A 874 2.05 -26.10 14.83
N TYR A 875 0.75 -26.01 14.59
CA TYR A 875 0.20 -24.91 13.81
C TYR A 875 0.10 -23.62 14.60
N SER A 876 -0.12 -23.68 15.91
CA SER A 876 -0.31 -22.46 16.68
C SER A 876 -0.05 -22.75 18.16
N MET A 877 0.48 -21.75 18.85
CA MET A 877 0.70 -21.85 20.28
C MET A 877 0.46 -20.49 20.91
N VAL A 878 0.20 -20.51 22.22
CA VAL A 878 0.18 -19.31 23.05
C VAL A 878 0.22 -19.74 24.50
N GLU A 879 0.94 -18.96 25.31
CA GLU A 879 0.98 -19.20 26.75
C GLU A 879 -0.40 -18.88 27.31
N PHE A 880 -0.95 -19.80 28.10
CA PHE A 880 -2.36 -19.70 28.48
C PHE A 880 -2.56 -18.73 29.63
N ASN A 881 -2.08 -19.10 30.82
CA ASN A 881 -2.00 -18.15 31.93
C ASN A 881 -0.56 -18.06 32.42
N GLY A 882 0.02 -19.21 32.69
CA GLY A 882 1.44 -19.35 32.95
C GLY A 882 1.85 -20.69 32.38
N LYS A 883 0.92 -21.29 31.65
CA LYS A 883 1.06 -22.59 31.02
C LYS A 883 1.33 -22.40 29.54
N LEU A 884 1.50 -23.51 28.83
CA LEU A 884 1.74 -23.50 27.40
C LEU A 884 0.62 -24.23 26.68
N LEU A 885 -0.19 -23.49 25.93
CA LEU A 885 -1.33 -24.04 25.20
C LEU A 885 -0.95 -24.16 23.73
N ALA A 886 -1.04 -25.37 23.19
CA ALA A 886 -0.59 -25.66 21.84
C ALA A 886 -1.69 -26.37 21.06
N SER A 887 -1.49 -26.46 19.75
CA SER A 887 -2.45 -27.07 18.83
C SER A 887 -1.71 -28.00 17.88
N ILE A 888 -1.99 -29.31 17.98
CA ILE A 888 -1.25 -30.30 17.21
C ILE A 888 -2.20 -31.28 16.52
N ASN A 889 -2.43 -31.08 15.22
CA ASN A 889 -3.09 -32.07 14.37
C ASN A 889 -4.46 -32.46 14.92
N SER A 890 -5.39 -31.49 14.88
CA SER A 890 -6.77 -31.65 15.33
C SER A 890 -6.86 -31.88 16.84
N THR A 891 -5.82 -31.54 17.58
CA THR A 891 -5.83 -31.67 19.03
C THR A 891 -5.49 -30.31 19.64
N VAL A 892 -5.93 -30.13 20.88
CA VAL A 892 -5.58 -28.95 21.67
C VAL A 892 -5.10 -29.43 23.02
N ARG A 893 -4.00 -28.85 23.49
CA ARG A 893 -3.31 -29.38 24.67
C ARG A 893 -2.75 -28.21 25.48
N LEU A 894 -2.57 -28.45 26.77
CA LEU A 894 -2.04 -27.46 27.70
C LEU A 894 -0.83 -28.08 28.38
N TYR A 895 0.17 -27.26 28.72
CA TYR A 895 1.45 -27.77 29.18
C TYR A 895 1.91 -27.00 30.40
N GLU A 896 2.74 -27.63 31.23
CA GLU A 896 3.23 -27.02 32.46
C GLU A 896 4.75 -26.97 32.46
N TRP A 897 5.29 -25.89 33.04
CA TRP A 897 6.73 -25.68 33.19
C TRP A 897 7.14 -25.97 34.62
N THR A 898 7.82 -27.10 34.81
CA THR A 898 8.27 -27.53 36.12
C THR A 898 9.49 -26.72 36.57
N THR A 899 9.93 -26.99 37.81
CA THR A 899 11.14 -26.35 38.33
C THR A 899 12.41 -26.96 37.76
N GLU A 900 12.40 -28.26 37.47
CA GLU A 900 13.57 -28.95 36.96
C GLU A 900 13.76 -28.78 35.45
N LYS A 901 13.16 -27.74 34.86
CA LYS A 901 13.37 -27.39 33.46
C LYS A 901 12.80 -28.46 32.52
N GLU A 902 11.55 -28.83 32.77
CA GLU A 902 10.87 -29.84 31.98
C GLU A 902 9.45 -29.39 31.66
N LEU A 903 8.76 -30.17 30.84
CA LEU A 903 7.42 -29.88 30.37
C LEU A 903 6.60 -31.16 30.38
N ARG A 904 5.37 -31.07 30.91
CA ARG A 904 4.53 -32.25 31.12
C ARG A 904 3.11 -32.02 30.62
N THR A 905 2.44 -33.11 30.24
CA THR A 905 1.08 -33.04 29.72
C THR A 905 0.05 -33.23 30.82
N GLU A 906 -1.10 -32.56 30.67
CA GLU A 906 -2.18 -32.65 31.64
C GLU A 906 -3.51 -33.11 31.06
N CYS A 907 -3.96 -32.50 29.96
CA CYS A 907 -5.31 -32.75 29.49
C CYS A 907 -5.41 -32.49 27.99
N ASN A 908 -6.11 -33.39 27.30
CA ASN A 908 -6.14 -33.41 25.85
C ASN A 908 -7.57 -33.28 25.33
N HIS A 909 -7.69 -32.99 24.05
CA HIS A 909 -8.98 -32.94 23.35
C HIS A 909 -8.72 -33.17 21.87
N TYR A 910 -9.38 -34.18 21.30
CA TYR A 910 -9.07 -34.60 19.93
C TYR A 910 -10.35 -34.89 19.14
N ASN A 911 -11.38 -34.06 19.33
CA ASN A 911 -12.62 -34.21 18.56
C ASN A 911 -12.55 -33.47 17.24
N ASN A 912 -11.83 -32.34 17.17
CA ASN A 912 -11.79 -31.50 16.00
C ASN A 912 -11.10 -32.21 14.83
N ILE A 913 -11.08 -31.54 13.68
CA ILE A 913 -10.29 -31.96 12.53
C ILE A 913 -9.53 -30.75 11.99
N MET A 914 -8.21 -30.79 12.11
CA MET A 914 -7.29 -29.73 11.69
C MET A 914 -7.64 -28.40 12.36
N ALA A 915 -7.62 -28.45 13.69
CA ALA A 915 -7.65 -27.24 14.49
C ALA A 915 -6.37 -26.45 14.25
N LEU A 916 -6.48 -25.31 13.56
CA LEU A 916 -5.30 -24.63 13.07
C LEU A 916 -5.08 -23.26 13.69
N TYR A 917 -6.07 -22.36 13.66
CA TYR A 917 -5.94 -21.06 14.28
C TYR A 917 -6.34 -21.18 15.74
N LEU A 918 -5.89 -20.24 16.56
CA LEU A 918 -6.11 -20.37 18.01
C LEU A 918 -5.90 -19.02 18.67
N LYS A 919 -6.86 -18.61 19.51
CA LYS A 919 -6.77 -17.40 20.30
C LYS A 919 -7.42 -17.65 21.66
N THR A 920 -6.96 -16.92 22.67
CA THR A 920 -7.41 -17.11 24.04
C THR A 920 -7.80 -15.77 24.64
N LYS A 921 -8.77 -15.81 25.55
CA LYS A 921 -9.20 -14.61 26.27
C LYS A 921 -9.80 -15.05 27.60
N GLY A 922 -9.36 -14.43 28.69
CA GLY A 922 -9.85 -14.79 30.00
C GLY A 922 -9.62 -16.24 30.32
N ASP A 923 -10.69 -17.03 30.33
CA ASP A 923 -10.61 -18.46 30.55
C ASP A 923 -11.34 -19.22 29.44
N PHE A 924 -11.42 -18.63 28.24
CA PHE A 924 -12.10 -19.23 27.11
C PHE A 924 -11.17 -19.30 25.90
N ILE A 925 -11.41 -20.30 25.06
CA ILE A 925 -10.54 -20.59 23.92
C ILE A 925 -11.37 -20.64 22.65
N LEU A 926 -11.01 -19.81 21.67
CA LEU A 926 -11.56 -19.90 20.32
C LEU A 926 -10.60 -20.69 19.46
N VAL A 927 -11.03 -21.88 19.04
CA VAL A 927 -10.26 -22.69 18.10
C VAL A 927 -10.87 -22.52 16.72
N GLY A 928 -10.13 -21.89 15.82
CA GLY A 928 -10.54 -21.77 14.43
C GLY A 928 -10.28 -23.09 13.73
N ASP A 929 -10.92 -23.26 12.59
CA ASP A 929 -10.76 -24.53 11.88
C ASP A 929 -10.55 -24.29 10.39
N LEU A 930 -9.94 -25.27 9.73
CA LEU A 930 -9.73 -25.18 8.30
C LEU A 930 -11.04 -25.24 7.54
N MET A 931 -11.90 -26.21 7.88
CA MET A 931 -13.07 -26.51 7.08
C MET A 931 -14.38 -26.47 7.84
N ARG A 932 -14.39 -26.76 9.15
CA ARG A 932 -15.69 -26.86 9.80
C ARG A 932 -16.23 -25.50 10.25
N SER A 933 -15.65 -24.91 11.28
CA SER A 933 -16.18 -23.66 11.82
C SER A 933 -15.35 -23.10 12.97
N VAL A 934 -15.79 -21.97 13.51
CA VAL A 934 -15.32 -21.52 14.81
C VAL A 934 -15.87 -22.46 15.87
N LEU A 935 -15.24 -22.45 17.04
CA LEU A 935 -15.62 -23.38 18.10
C LEU A 935 -14.97 -22.90 19.40
N LEU A 936 -15.69 -23.06 20.50
CA LEU A 936 -15.31 -22.46 21.78
C LEU A 936 -15.06 -23.55 22.81
N LEU A 937 -14.02 -23.36 23.62
CA LEU A 937 -13.73 -24.23 24.75
C LEU A 937 -13.68 -23.41 26.04
N ALA A 938 -13.92 -24.10 27.14
CA ALA A 938 -13.71 -23.56 28.46
C ALA A 938 -12.73 -24.45 29.21
N TYR A 939 -11.76 -23.83 29.86
CA TYR A 939 -10.83 -24.53 30.74
C TYR A 939 -11.41 -24.48 32.15
N LYS A 940 -11.72 -25.65 32.69
CA LYS A 940 -12.42 -25.71 33.97
C LYS A 940 -11.43 -26.00 35.09
N PRO A 941 -11.16 -25.03 35.98
CA PRO A 941 -9.99 -25.13 36.86
C PRO A 941 -10.08 -26.22 37.91
N MET A 942 -11.26 -26.47 38.45
CA MET A 942 -11.38 -27.26 39.68
C MET A 942 -10.88 -28.68 39.48
N GLU A 943 -11.39 -29.37 38.46
CA GLU A 943 -10.89 -30.70 38.15
C GLU A 943 -9.97 -30.72 36.93
N GLY A 944 -10.00 -29.66 36.13
CA GLY A 944 -8.88 -29.38 35.25
C GLY A 944 -8.83 -30.05 33.89
N ASN A 945 -9.75 -29.72 32.99
CA ASN A 945 -9.66 -30.18 31.60
C ASN A 945 -10.55 -29.27 30.76
N PHE A 946 -10.79 -29.67 29.51
CA PHE A 946 -11.56 -28.87 28.56
C PHE A 946 -13.01 -29.31 28.56
N GLU A 947 -13.92 -28.35 28.34
CA GLU A 947 -15.34 -28.62 28.24
C GLU A 947 -15.93 -27.62 27.26
N GLU A 948 -16.61 -28.14 26.23
CA GLU A 948 -17.09 -27.31 25.13
C GLU A 948 -18.23 -26.42 25.59
N ILE A 949 -18.19 -25.15 25.21
CA ILE A 949 -19.29 -24.23 25.51
C ILE A 949 -20.28 -24.19 24.35
N ALA A 950 -19.82 -23.78 23.17
CA ALA A 950 -20.70 -23.60 22.02
C ALA A 950 -19.92 -23.94 20.76
N ARG A 951 -20.67 -24.17 19.68
CA ARG A 951 -20.09 -24.50 18.38
C ARG A 951 -20.91 -23.86 17.28
N ASP A 952 -20.56 -24.19 16.04
CA ASP A 952 -21.24 -23.66 14.87
C ASP A 952 -21.29 -24.71 13.76
N PHE A 953 -22.48 -24.93 13.22
CA PHE A 953 -22.67 -25.82 12.07
C PHE A 953 -22.70 -24.98 10.79
N ASN A 954 -23.08 -25.59 9.67
CA ASN A 954 -23.05 -24.96 8.35
C ASN A 954 -21.61 -24.55 8.01
N PRO A 955 -20.77 -25.51 7.64
CA PRO A 955 -19.32 -25.27 7.60
C PRO A 955 -18.85 -24.15 6.68
N ASN A 956 -17.77 -23.49 7.09
CA ASN A 956 -17.07 -22.50 6.29
C ASN A 956 -15.58 -22.83 6.31
N TRP A 957 -14.86 -22.35 5.30
CA TRP A 957 -13.43 -22.59 5.18
C TRP A 957 -12.66 -21.39 5.70
N MET A 958 -12.39 -21.38 7.00
CA MET A 958 -11.83 -20.20 7.65
C MET A 958 -10.39 -19.94 7.21
N SER A 959 -10.00 -18.67 7.25
CA SER A 959 -8.64 -18.26 6.96
C SER A 959 -8.01 -17.40 8.06
N ALA A 960 -8.76 -17.02 9.08
CA ALA A 960 -8.24 -16.28 10.22
C ALA A 960 -9.35 -16.20 11.27
N VAL A 961 -8.96 -16.27 12.54
CA VAL A 961 -9.90 -16.35 13.65
C VAL A 961 -9.33 -15.56 14.83
N GLU A 962 -10.20 -14.81 15.50
CA GLU A 962 -9.80 -14.05 16.67
C GLU A 962 -10.98 -13.88 17.60
N ILE A 963 -10.68 -13.38 18.80
CA ILE A 963 -11.68 -13.11 19.83
C ILE A 963 -11.82 -11.59 19.97
N LEU A 964 -13.00 -11.07 19.62
CA LEU A 964 -13.24 -9.63 19.74
C LEU A 964 -13.50 -9.21 21.17
N ASP A 965 -14.52 -9.79 21.80
CA ASP A 965 -14.82 -9.49 23.19
C ASP A 965 -15.11 -10.82 23.89
N ASP A 966 -15.66 -10.75 25.10
CA ASP A 966 -15.94 -11.97 25.84
C ASP A 966 -17.21 -12.66 25.38
N ASP A 967 -17.97 -12.05 24.45
CA ASP A 967 -19.29 -12.57 24.11
C ASP A 967 -19.50 -12.83 22.61
N ASN A 968 -18.84 -12.11 21.72
CA ASN A 968 -18.97 -12.36 20.28
C ASN A 968 -17.63 -12.81 19.73
N PHE A 969 -17.63 -13.34 18.51
CA PHE A 969 -16.47 -14.03 17.97
C PHE A 969 -16.40 -13.76 16.46
N LEU A 970 -15.19 -13.65 15.92
CA LEU A 970 -14.97 -13.24 14.54
C LEU A 970 -14.13 -14.27 13.81
N GLY A 971 -14.45 -14.48 12.54
CA GLY A 971 -13.62 -15.31 11.68
C GLY A 971 -13.55 -14.72 10.29
N ALA A 972 -12.74 -15.34 9.44
CA ALA A 972 -12.59 -14.95 8.04
C ALA A 972 -12.28 -16.19 7.23
N GLU A 973 -12.85 -16.28 6.05
CA GLU A 973 -12.84 -17.53 5.29
C GLU A 973 -12.34 -17.27 3.86
N ASN A 974 -11.89 -18.35 3.21
CA ASN A 974 -11.13 -18.27 1.98
C ASN A 974 -11.92 -17.75 0.79
N ALA A 975 -13.24 -17.65 0.88
CA ALA A 975 -14.04 -17.06 -0.18
C ALA A 975 -14.20 -15.56 -0.01
N PHE A 976 -13.27 -14.93 0.72
CA PHE A 976 -13.14 -13.47 0.78
C PHE A 976 -14.26 -12.82 1.59
N ASN A 977 -14.76 -13.50 2.62
CA ASN A 977 -15.92 -13.01 3.36
C ASN A 977 -15.63 -12.92 4.85
N LEU A 978 -16.34 -12.00 5.52
CA LEU A 978 -16.25 -11.80 6.96
C LEU A 978 -17.59 -12.12 7.60
N PHE A 979 -17.56 -12.43 8.90
CA PHE A 979 -18.77 -12.66 9.67
C PHE A 979 -18.44 -12.66 11.16
N VAL A 980 -19.25 -11.93 11.92
CA VAL A 980 -19.09 -11.82 13.37
C VAL A 980 -20.17 -12.66 14.04
N CYS A 981 -19.78 -13.81 14.57
CA CYS A 981 -20.69 -14.70 15.27
C CYS A 981 -21.10 -14.10 16.61
N GLN A 982 -22.15 -14.68 17.19
CA GLN A 982 -22.71 -14.16 18.43
C GLN A 982 -23.45 -15.28 19.15
N LYS A 983 -23.48 -15.18 20.48
CA LYS A 983 -24.16 -16.17 21.33
C LYS A 983 -25.64 -15.84 21.43
N ASP A 984 -26.48 -16.87 21.33
CA ASP A 984 -27.92 -16.70 21.43
C ASP A 984 -28.37 -16.82 22.88
N SER A 985 -29.19 -15.87 23.33
CA SER A 985 -29.70 -15.83 24.69
C SER A 985 -31.11 -16.39 24.73
N ALA A 986 -31.20 -17.71 24.78
CA ALA A 986 -32.48 -18.41 24.87
C ALA A 986 -32.46 -19.40 26.02
N ALA A 987 -33.66 -19.86 26.39
CA ALA A 987 -33.84 -20.81 27.48
C ALA A 987 -33.71 -22.23 26.96
N THR A 988 -34.11 -23.20 27.79
CA THR A 988 -34.07 -24.63 27.47
C THR A 988 -32.65 -25.07 27.10
N THR A 989 -31.76 -24.90 28.07
CA THR A 989 -30.35 -25.22 27.88
C THR A 989 -30.17 -26.74 27.83
N ASP A 990 -30.52 -27.35 26.70
CA ASP A 990 -30.25 -28.78 26.55
C ASP A 990 -29.36 -29.06 25.34
N GLU A 991 -29.72 -28.53 24.17
CA GLU A 991 -28.91 -28.75 22.97
C GLU A 991 -28.68 -27.50 22.15
N GLU A 992 -29.60 -26.52 22.19
CA GLU A 992 -29.42 -25.33 21.37
C GLU A 992 -28.55 -24.27 22.03
N ARG A 993 -27.92 -24.57 23.16
CA ARG A 993 -26.89 -23.69 23.71
C ARG A 993 -25.50 -24.08 23.26
N GLN A 994 -25.36 -25.17 22.50
CA GLN A 994 -24.16 -25.44 21.73
C GLN A 994 -24.27 -24.92 20.31
N HIS A 995 -25.09 -23.89 20.10
CA HIS A 995 -25.30 -23.29 18.79
C HIS A 995 -24.95 -21.80 18.86
N LEU A 996 -24.07 -21.37 17.96
CA LEU A 996 -23.62 -19.99 17.88
C LEU A 996 -24.29 -19.34 16.68
N GLN A 997 -24.47 -18.02 16.74
CA GLN A 997 -25.32 -17.33 15.78
C GLN A 997 -24.51 -16.37 14.92
N GLU A 998 -24.40 -16.69 13.63
CA GLU A 998 -23.93 -15.72 12.65
C GLU A 998 -24.88 -14.52 12.67
N VAL A 999 -24.34 -13.32 12.86
CA VAL A 999 -25.15 -12.12 12.89
C VAL A 999 -24.74 -11.11 11.82
N GLY A 1000 -23.47 -11.10 11.42
CA GLY A 1000 -23.03 -10.18 10.39
C GLY A 1000 -22.58 -10.89 9.13
N LEU A 1001 -22.82 -10.27 7.97
CA LEU A 1001 -22.45 -10.86 6.70
C LEU A 1001 -21.74 -9.79 5.87
N PHE A 1002 -20.77 -10.20 5.06
CA PHE A 1002 -19.92 -9.23 4.40
C PHE A 1002 -19.04 -9.91 3.36
N HIS A 1003 -18.83 -9.23 2.23
CA HIS A 1003 -17.88 -9.68 1.22
C HIS A 1003 -16.70 -8.72 1.20
N LEU A 1004 -15.64 -9.10 1.93
CA LEU A 1004 -14.42 -8.30 1.97
C LEU A 1004 -13.74 -8.23 0.61
N GLY A 1005 -13.59 -9.36 -0.07
CA GLY A 1005 -12.99 -9.40 -1.37
C GLY A 1005 -11.57 -9.96 -1.40
N GLU A 1006 -10.91 -10.06 -0.25
CA GLU A 1006 -9.51 -10.45 -0.22
C GLU A 1006 -9.33 -11.63 0.73
N PHE A 1007 -8.09 -12.13 0.77
CA PHE A 1007 -7.72 -13.29 1.56
C PHE A 1007 -6.94 -12.79 2.77
N VAL A 1008 -7.33 -13.25 3.96
CA VAL A 1008 -6.73 -12.75 5.20
C VAL A 1008 -5.78 -13.80 5.76
N ASN A 1009 -4.57 -13.37 6.12
CA ASN A 1009 -3.51 -14.27 6.54
C ASN A 1009 -3.24 -14.28 8.03
N VAL A 1010 -3.48 -13.18 8.73
CA VAL A 1010 -3.16 -13.12 10.15
C VAL A 1010 -3.98 -12.00 10.79
N PHE A 1011 -4.48 -12.27 11.99
CA PHE A 1011 -5.14 -11.28 12.81
C PHE A 1011 -4.25 -10.95 14.01
N CYS A 1012 -4.23 -9.69 14.41
CA CYS A 1012 -3.46 -9.29 15.58
C CYS A 1012 -4.18 -8.16 16.31
N HIS A 1013 -4.15 -8.24 17.63
CA HIS A 1013 -4.62 -7.14 18.47
C HIS A 1013 -3.57 -6.05 18.50
N GLY A 1014 -4.01 -4.81 18.66
CA GLY A 1014 -3.09 -3.69 18.68
C GLY A 1014 -3.52 -2.66 17.66
N SER A 1015 -2.79 -1.55 17.67
CA SER A 1015 -3.12 -0.45 16.77
C SER A 1015 -1.84 0.33 16.48
N LEU A 1016 -1.75 0.83 15.25
CA LEU A 1016 -0.58 1.57 14.79
C LEU A 1016 -0.69 3.06 15.07
N VAL A 1017 -1.52 3.46 16.03
CA VAL A 1017 -1.69 4.86 16.36
C VAL A 1017 -1.34 5.07 17.82
N MET A 1018 -1.26 6.34 18.21
CA MET A 1018 -0.90 6.71 19.57
C MET A 1018 -1.93 6.17 20.56
N GLN A 1019 -1.43 5.74 21.72
CA GLN A 1019 -2.23 5.14 22.80
C GLN A 1019 -3.38 4.27 22.30
N PRO A 1027 -16.08 6.27 20.72
CA PRO A 1027 -16.65 6.14 19.37
C PRO A 1027 -16.82 4.68 18.95
N THR A 1028 -15.88 3.82 19.36
CA THR A 1028 -15.96 2.40 19.09
C THR A 1028 -15.16 1.63 20.13
N GLN A 1029 -15.28 0.30 20.06
CA GLN A 1029 -14.67 -0.59 21.03
C GLN A 1029 -13.94 -1.67 20.27
N GLY A 1030 -12.83 -2.16 20.82
CA GLY A 1030 -12.02 -3.16 20.19
C GLY A 1030 -11.17 -2.60 19.05
N SER A 1031 -10.05 -3.26 18.81
CA SER A 1031 -9.16 -2.86 17.73
C SER A 1031 -8.37 -4.06 17.23
N VAL A 1032 -8.30 -4.20 15.90
CA VAL A 1032 -7.74 -5.40 15.27
C VAL A 1032 -7.12 -4.99 13.93
N LEU A 1033 -5.99 -5.60 13.59
CA LEU A 1033 -5.34 -5.43 12.30
C LEU A 1033 -5.19 -6.78 11.61
N PHE A 1034 -5.31 -6.78 10.28
CA PHE A 1034 -5.04 -7.99 9.52
C PHE A 1034 -4.34 -7.64 8.21
N GLY A 1035 -3.55 -8.57 7.73
CA GLY A 1035 -2.83 -8.40 6.48
C GLY A 1035 -3.22 -9.46 5.47
N THR A 1036 -3.20 -9.07 4.20
CA THR A 1036 -3.73 -9.88 3.11
C THR A 1036 -2.60 -10.29 2.17
N VAL A 1037 -2.93 -11.17 1.24
CA VAL A 1037 -1.98 -11.61 0.23
C VAL A 1037 -1.58 -10.46 -0.69
N ASN A 1038 -2.55 -9.65 -1.11
CA ASN A 1038 -2.28 -8.57 -2.04
C ASN A 1038 -1.55 -7.39 -1.39
N GLY A 1039 -1.13 -7.53 -0.14
CA GLY A 1039 -0.46 -6.46 0.56
C GLY A 1039 -1.36 -5.39 1.14
N MET A 1040 -2.63 -5.70 1.40
CA MET A 1040 -3.54 -4.76 2.05
C MET A 1040 -3.50 -4.95 3.56
N ILE A 1041 -3.77 -3.87 4.28
CA ILE A 1041 -3.92 -3.89 5.72
C ILE A 1041 -5.33 -3.42 6.05
N GLY A 1042 -6.05 -4.21 6.85
CA GLY A 1042 -7.41 -3.89 7.21
C GLY A 1042 -7.61 -3.87 8.71
N LEU A 1043 -8.71 -3.25 9.12
CA LEU A 1043 -9.01 -3.02 10.53
C LEU A 1043 -10.49 -3.27 10.77
N VAL A 1044 -10.83 -3.86 11.92
CA VAL A 1044 -12.21 -4.18 12.27
C VAL A 1044 -12.44 -3.84 13.73
N THR A 1045 -13.62 -3.27 14.00
CA THR A 1045 -14.01 -2.87 15.35
C THR A 1045 -15.52 -2.96 15.49
N SER A 1046 -15.98 -3.08 16.73
CA SER A 1046 -17.39 -3.26 17.04
C SER A 1046 -18.05 -1.92 17.36
N LEU A 1047 -19.37 -1.87 17.18
CA LEU A 1047 -20.16 -0.66 17.38
C LEU A 1047 -21.35 -0.95 18.29
N SER A 1048 -21.93 0.13 18.80
CA SER A 1048 -23.18 0.10 19.54
C SER A 1048 -24.35 0.42 18.62
N GLU A 1049 -25.52 0.70 19.19
CA GLU A 1049 -26.79 0.87 18.50
C GLU A 1049 -26.87 2.13 17.64
N SER A 1050 -26.64 3.30 18.24
CA SER A 1050 -27.03 4.56 17.62
C SER A 1050 -26.25 4.83 16.34
N TRP A 1051 -24.92 4.76 16.41
CA TRP A 1051 -24.11 5.00 15.22
C TRP A 1051 -24.38 3.95 14.15
N TYR A 1052 -24.61 2.69 14.55
CA TYR A 1052 -24.98 1.68 13.56
C TYR A 1052 -26.24 2.07 12.82
N ASN A 1053 -27.31 2.42 13.52
CA ASN A 1053 -28.56 2.75 12.83
C ASN A 1053 -28.38 3.96 11.93
N LEU A 1054 -27.76 5.01 12.46
CA LEU A 1054 -27.48 6.21 11.67
C LEU A 1054 -26.71 5.86 10.41
N LEU A 1055 -25.64 5.07 10.56
CA LEU A 1055 -24.73 4.82 9.45
C LEU A 1055 -25.34 3.87 8.44
N LEU A 1056 -26.19 2.93 8.85
CA LEU A 1056 -26.83 2.08 7.86
C LEU A 1056 -27.89 2.84 7.09
N ASP A 1057 -28.62 3.73 7.76
CA ASP A 1057 -29.50 4.63 7.04
C ASP A 1057 -28.71 5.44 6.01
N MET A 1058 -27.56 5.98 6.42
CA MET A 1058 -26.74 6.74 5.49
C MET A 1058 -26.19 5.83 4.38
N GLN A 1059 -25.91 4.57 4.70
CA GLN A 1059 -25.44 3.64 3.68
C GLN A 1059 -26.49 3.43 2.60
N ASN A 1060 -27.75 3.29 3.00
CA ASN A 1060 -28.82 3.21 1.99
C ASN A 1060 -28.87 4.49 1.16
N ARG A 1061 -28.90 5.65 1.83
CA ARG A 1061 -29.01 6.89 1.09
C ARG A 1061 -27.77 7.21 0.25
N LEU A 1062 -26.68 6.49 0.45
CA LEU A 1062 -25.49 6.73 -0.38
C LEU A 1062 -25.38 5.72 -1.50
N ASN A 1063 -25.63 4.44 -1.23
CA ASN A 1063 -25.50 3.46 -2.31
C ASN A 1063 -26.69 3.50 -3.26
N LYS A 1064 -27.78 4.17 -2.89
CA LYS A 1064 -28.87 4.37 -3.85
C LYS A 1064 -28.48 5.28 -5.01
N VAL A 1065 -27.53 6.19 -4.81
CA VAL A 1065 -27.24 7.25 -5.77
C VAL A 1065 -25.87 7.10 -6.40
N ILE A 1066 -24.89 6.54 -5.67
CA ILE A 1066 -23.52 6.48 -6.18
C ILE A 1066 -23.48 5.65 -7.45
N LYS A 1067 -22.60 6.04 -8.38
CA LYS A 1067 -22.47 5.37 -9.66
C LYS A 1067 -21.17 4.58 -9.71
N SER A 1068 -21.30 3.25 -9.79
CA SER A 1068 -20.16 2.41 -10.08
C SER A 1068 -19.71 2.62 -11.51
N VAL A 1069 -18.43 2.33 -11.78
CA VAL A 1069 -17.90 2.50 -13.13
C VAL A 1069 -18.66 1.60 -14.11
N GLY A 1070 -18.97 0.38 -13.68
CA GLY A 1070 -19.82 -0.50 -14.47
C GLY A 1070 -21.26 -0.39 -14.02
N LYS A 1071 -21.55 0.67 -13.26
CA LYS A 1071 -22.85 0.91 -12.62
C LYS A 1071 -23.47 -0.39 -12.08
N ILE A 1072 -22.67 -1.17 -11.39
CA ILE A 1072 -23.17 -2.24 -10.53
C ILE A 1072 -23.65 -1.60 -9.24
N GLU A 1073 -24.75 -2.10 -8.70
CA GLU A 1073 -25.33 -1.56 -7.48
C GLU A 1073 -24.45 -1.93 -6.29
N HIS A 1074 -24.21 -0.94 -5.43
CA HIS A 1074 -23.25 -1.12 -4.34
C HIS A 1074 -23.71 -2.22 -3.38
N SER A 1075 -25.02 -2.43 -3.27
CA SER A 1075 -25.53 -3.49 -2.40
C SER A 1075 -25.06 -4.87 -2.87
N PHE A 1076 -25.04 -5.09 -4.18
CA PHE A 1076 -24.72 -6.42 -4.72
C PHE A 1076 -23.32 -6.88 -4.33
N TRP A 1077 -22.33 -6.00 -4.42
CA TRP A 1077 -20.94 -6.44 -4.25
C TRP A 1077 -20.59 -6.63 -2.78
N ARG A 1078 -20.84 -5.61 -1.96
CA ARG A 1078 -20.72 -5.71 -0.51
C ARG A 1078 -21.58 -6.81 0.08
N SER A 1079 -22.51 -7.35 -0.69
CA SER A 1079 -23.34 -8.45 -0.22
C SER A 1079 -22.49 -9.70 -0.02
N PHE A 1080 -22.82 -10.46 1.03
CA PHE A 1080 -22.16 -11.73 1.27
C PHE A 1080 -22.30 -12.63 0.04
N HIS A 1081 -21.31 -13.50 -0.18
CA HIS A 1081 -21.38 -14.45 -1.26
C HIS A 1081 -20.59 -15.69 -0.88
N THR A 1082 -20.91 -16.81 -1.50
CA THR A 1082 -20.19 -18.06 -1.38
C THR A 1082 -20.62 -18.94 -2.55
N GLU A 1083 -19.91 -20.05 -2.74
CA GLU A 1083 -20.29 -21.01 -3.77
C GLU A 1083 -21.73 -21.45 -3.62
N ARG A 1084 -22.22 -21.58 -2.39
CA ARG A 1084 -23.50 -22.23 -2.13
C ARG A 1084 -24.54 -21.32 -1.48
N LYS A 1085 -24.21 -20.07 -1.19
CA LYS A 1085 -24.99 -19.35 -0.18
C LYS A 1085 -24.70 -17.87 -0.30
N THR A 1086 -25.77 -17.07 -0.24
CA THR A 1086 -25.70 -15.66 -0.63
C THR A 1086 -26.82 -14.88 0.03
N GLU A 1087 -26.47 -13.84 0.79
CA GLU A 1087 -27.42 -12.92 1.41
C GLU A 1087 -26.83 -11.52 1.43
N PRO A 1088 -27.67 -10.50 1.59
CA PRO A 1088 -27.15 -9.13 1.62
C PRO A 1088 -26.41 -8.83 2.93
N ALA A 1089 -25.87 -7.62 3.01
CA ALA A 1089 -25.09 -7.22 4.17
C ALA A 1089 -25.99 -6.97 5.37
N THR A 1090 -25.43 -7.19 6.56
CA THR A 1090 -26.15 -6.96 7.81
C THR A 1090 -25.16 -6.95 8.97
N GLY A 1091 -25.42 -6.10 9.95
CA GLY A 1091 -24.57 -6.05 11.13
C GLY A 1091 -23.29 -5.26 10.95
N PHE A 1092 -22.99 -4.80 9.74
CA PHE A 1092 -21.69 -4.24 9.41
C PHE A 1092 -21.85 -2.87 8.77
N ILE A 1093 -20.81 -2.05 8.93
CA ILE A 1093 -20.70 -0.77 8.27
C ILE A 1093 -19.46 -0.80 7.39
N ASP A 1094 -19.57 -0.29 6.17
CA ASP A 1094 -18.50 -0.36 5.19
C ASP A 1094 -17.70 0.93 5.16
N GLY A 1095 -16.48 0.87 5.69
CA GLY A 1095 -15.57 2.01 5.62
C GLY A 1095 -15.24 2.46 4.23
N ASP A 1096 -15.08 1.54 3.27
CA ASP A 1096 -14.84 1.96 1.90
C ASP A 1096 -15.89 2.98 1.47
N LEU A 1097 -17.16 2.65 1.67
CA LEU A 1097 -18.22 3.60 1.33
C LEU A 1097 -18.15 4.86 2.19
N ILE A 1098 -18.06 4.69 3.52
CA ILE A 1098 -18.25 5.83 4.41
C ILE A 1098 -17.16 6.88 4.20
N GLU A 1099 -15.89 6.47 4.14
CA GLU A 1099 -14.86 7.42 3.76
C GLU A 1099 -14.83 7.70 2.26
N SER A 1100 -15.57 6.97 1.43
CA SER A 1100 -15.77 7.47 0.08
C SER A 1100 -16.76 8.62 0.02
N PHE A 1101 -17.48 8.87 1.13
CA PHE A 1101 -18.39 10.01 1.19
C PHE A 1101 -17.68 11.34 0.97
N LEU A 1102 -16.36 11.38 1.15
CA LEU A 1102 -15.61 12.63 1.10
C LEU A 1102 -15.24 13.07 -0.32
N ASP A 1103 -15.16 12.13 -1.27
CA ASP A 1103 -14.90 12.49 -2.66
C ASP A 1103 -16.13 13.01 -3.37
N ILE A 1104 -17.32 12.80 -2.80
CA ILE A 1104 -18.57 13.37 -3.27
C ILE A 1104 -18.52 14.90 -3.22
N SER A 1105 -19.13 15.54 -4.21
CA SER A 1105 -19.13 16.99 -4.34
C SER A 1105 -20.15 17.62 -3.38
N ARG A 1106 -19.92 18.90 -3.07
CA ARG A 1106 -20.78 19.64 -2.16
C ARG A 1106 -22.25 19.64 -2.59
N PRO A 1107 -22.62 20.11 -3.79
CA PRO A 1107 -24.04 20.06 -4.17
C PRO A 1107 -24.63 18.68 -4.01
N LYS A 1108 -23.94 17.68 -4.54
CA LYS A 1108 -24.49 16.32 -4.48
C LYS A 1108 -24.57 15.84 -3.03
N MET A 1109 -23.84 16.48 -2.11
CA MET A 1109 -24.09 16.23 -0.70
C MET A 1109 -25.36 16.93 -0.20
N GLN A 1110 -25.77 18.03 -0.83
CA GLN A 1110 -27.12 18.49 -0.52
C GLN A 1110 -28.21 17.63 -1.17
N GLU A 1111 -27.89 16.91 -2.25
CA GLU A 1111 -28.79 15.81 -2.61
C GLU A 1111 -28.43 14.50 -1.91
N VAL A 1112 -27.41 14.50 -1.06
CA VAL A 1112 -27.39 13.54 0.03
C VAL A 1112 -28.46 13.97 1.03
N VAL A 1113 -28.78 13.09 1.98
CA VAL A 1113 -30.09 13.01 2.65
C VAL A 1113 -30.71 14.37 2.94
N ALA A 1114 -29.88 15.34 3.30
CA ALA A 1114 -30.34 16.71 3.59
C ALA A 1114 -31.42 16.72 4.67
N ALA A 1128 -30.21 16.75 11.50
CA ALA A 1128 -30.40 16.29 10.14
C ALA A 1128 -29.74 17.24 9.14
N THR A 1129 -28.42 17.20 9.09
CA THR A 1129 -27.64 18.05 8.20
C THR A 1129 -26.42 17.27 7.69
N ALA A 1130 -25.52 18.00 7.03
CA ALA A 1130 -24.36 17.35 6.40
C ALA A 1130 -23.14 17.39 7.31
N ASP A 1131 -22.87 18.55 7.92
CA ASP A 1131 -21.71 18.67 8.79
C ASP A 1131 -21.76 17.68 9.95
N ASP A 1132 -22.96 17.46 10.50
CA ASP A 1132 -23.11 16.55 11.63
C ASP A 1132 -22.71 15.13 11.26
N LEU A 1133 -22.68 14.80 9.99
CA LEU A 1133 -22.30 13.46 9.57
C LEU A 1133 -20.90 13.40 8.97
N ILE A 1134 -20.42 14.49 8.39
CA ILE A 1134 -19.01 14.51 7.98
C ILE A 1134 -18.12 14.48 9.21
N LYS A 1135 -18.58 15.06 10.32
CA LYS A 1135 -17.84 14.90 11.58
C LYS A 1135 -17.80 13.45 12.00
N VAL A 1136 -18.91 12.73 11.82
CA VAL A 1136 -18.95 11.30 12.14
C VAL A 1136 -17.95 10.52 11.29
N VAL A 1137 -17.98 10.72 9.97
CA VAL A 1137 -17.05 9.98 9.13
C VAL A 1137 -15.61 10.35 9.48
N GLU A 1138 -15.36 11.62 9.82
CA GLU A 1138 -14.04 12.03 10.29
C GLU A 1138 -13.61 11.26 11.52
N GLU A 1139 -14.46 11.16 12.54
CA GLU A 1139 -14.05 10.51 13.77
C GLU A 1139 -13.87 9.01 13.56
N LEU A 1140 -14.63 8.40 12.65
CA LEU A 1140 -14.37 7.00 12.32
C LEU A 1140 -13.13 6.83 11.46
N THR A 1141 -12.68 7.90 10.78
CA THR A 1141 -11.52 7.76 9.91
C THR A 1141 -10.23 7.52 10.66
N ARG A 1142 -9.94 8.30 11.69
CA ARG A 1142 -8.62 8.32 12.33
C ARG A 1142 -8.30 7.07 13.13
N ILE A 1143 -9.20 6.09 13.18
CA ILE A 1143 -8.91 4.88 13.94
C ILE A 1143 -7.85 4.03 13.27
N HIS A 1144 -7.55 4.31 12.00
CA HIS A 1144 -6.55 3.55 11.26
C HIS A 1144 -5.48 4.48 10.70
N GLN B 104 -0.17 -31.49 -2.49
CA GLN B 104 -1.14 -32.32 -1.78
C GLN B 104 -0.69 -32.39 -0.33
N ILE B 105 0.61 -32.19 -0.10
CA ILE B 105 1.13 -32.00 1.25
C ILE B 105 0.63 -30.69 1.84
N LEU B 106 0.01 -30.79 3.02
CA LEU B 106 -0.72 -29.66 3.58
C LEU B 106 0.15 -28.45 3.91
N PRO B 107 1.26 -28.55 4.65
CA PRO B 107 1.93 -27.32 5.10
C PRO B 107 2.31 -26.38 3.96
N LYS B 108 2.84 -26.90 2.85
CA LYS B 108 3.30 -25.97 1.82
C LYS B 108 2.20 -25.60 0.83
N VAL B 109 1.12 -26.38 0.74
CA VAL B 109 -0.02 -25.88 -0.04
C VAL B 109 -0.69 -24.73 0.69
N LEU B 110 -0.80 -24.82 2.02
CA LEU B 110 -1.21 -23.66 2.80
C LEU B 110 -0.20 -22.52 2.69
N HIS B 111 1.09 -22.84 2.60
CA HIS B 111 2.09 -21.80 2.35
C HIS B 111 1.83 -21.08 1.04
N LYS B 112 1.57 -21.84 -0.03
CA LYS B 112 1.26 -21.24 -1.32
C LYS B 112 0.01 -20.37 -1.23
N ARG B 113 -1.02 -20.87 -0.54
CA ARG B 113 -2.24 -20.10 -0.35
C ARG B 113 -1.95 -18.79 0.39
N THR B 114 -1.03 -18.83 1.35
CA THR B 114 -0.59 -17.62 2.02
C THR B 114 0.12 -16.67 1.06
N LEU B 115 0.98 -17.19 0.19
CA LEU B 115 1.67 -16.37 -0.79
C LEU B 115 0.80 -15.93 -1.95
N GLY B 116 -0.33 -16.61 -2.18
CA GLY B 116 -1.19 -16.28 -3.29
C GLY B 116 -0.97 -17.11 -4.54
N LEU B 117 -0.03 -18.06 -4.50
CA LEU B 117 0.17 -18.94 -5.63
C LEU B 117 -1.03 -19.87 -5.77
N PRO B 118 -1.33 -20.32 -6.99
CA PRO B 118 -2.49 -21.20 -7.19
C PRO B 118 -2.40 -22.45 -6.33
N ALA B 119 -3.31 -22.55 -5.37
CA ALA B 119 -3.39 -23.69 -4.48
C ALA B 119 -4.42 -24.69 -4.99
N MET B 120 -4.35 -25.90 -4.47
CA MET B 120 -5.29 -26.94 -4.86
C MET B 120 -6.69 -26.58 -4.40
N SER B 121 -7.69 -26.94 -5.21
CA SER B 121 -9.05 -26.47 -5.01
C SER B 121 -9.63 -27.00 -3.70
N THR B 122 -10.53 -26.21 -3.11
CA THR B 122 -11.15 -26.58 -1.84
C THR B 122 -11.99 -27.85 -1.98
N THR B 123 -12.59 -28.06 -3.16
CA THR B 123 -13.38 -29.28 -3.36
C THR B 123 -12.49 -30.52 -3.30
N ASP B 124 -11.22 -30.39 -3.68
CA ASP B 124 -10.30 -31.51 -3.53
C ASP B 124 -10.10 -31.88 -2.06
N LEU B 125 -9.97 -30.89 -1.18
CA LEU B 125 -9.89 -31.17 0.24
C LEU B 125 -11.22 -31.73 0.76
N GLU B 126 -12.33 -31.24 0.23
CA GLU B 126 -13.64 -31.78 0.62
C GLU B 126 -13.71 -33.27 0.31
N ALA B 127 -13.30 -33.67 -0.88
CA ALA B 127 -13.27 -35.08 -1.24
C ALA B 127 -12.27 -35.85 -0.38
N TYR B 128 -11.12 -35.23 -0.09
CA TYR B 128 -10.11 -35.88 0.72
C TYR B 128 -10.49 -35.89 2.20
N PHE B 129 -11.42 -35.04 2.61
CA PHE B 129 -11.98 -35.06 3.96
C PHE B 129 -13.45 -35.43 3.95
#